data_6S0F
#
_entry.id   6S0F
#
_cell.length_a   63.661
_cell.length_b   78.924
_cell.length_c   112.992
_cell.angle_alpha   90.000
_cell.angle_beta   94.890
_cell.angle_gamma   90.000
#
_symmetry.space_group_name_H-M   'P 1 21 1'
#
loop_
_entity.id
_entity.type
_entity.pdbx_description
1 polymer 'exosialidase from uncultured bacterium pG7'
2 non-polymer GLYCEROL
3 non-polymer 'THIOCYANATE ION'
4 non-polymer 2-AMINO-2-HYDROXYMETHYL-PROPANE-1,3-DIOL
5 non-polymer 'deamino-beta-neuraminic acid'
6 non-polymer 'ACETATE ION'
7 water water
#
_entity_poly.entity_id   1
_entity_poly.type   'polypeptide(L)'
_entity_poly.pdbx_seq_one_letter_code
;MRPETIPGISLNEDNSHYFYTRAGRRLSAEEVDSWVDQYAGTQVKELMLCPNCMRTSYASQVWDPIWRGYDPAGPDDQPL
LASLPPEERVAARGWIHTAWQLHQDGIDIYARWIRRCRQRGISPWISMRMNDVHYVNDERCFLHSEFWRENPQLRRVPYR
FAEWTDRAFDYGRAEVREHHLKLIRELAARYDFDGLELDWMRFGFHFRPGYEAEGAEILTAFTAEVRRLLDDWEKRRGHK
IHLGARIPSRPATALGLGMDAVTWARRGLVDMLVITPFWASAETDMPVEIWRQLLEGTGVTLAAGLEVLLRPYPDSPLFQ
TNSLETVRGAAASLLDRGAQRIYLFNYMDSQTAMEDLENYPTLLREIGSLETLAGKPRRHVLTFADTWAPGEPRAIPLPA
TCRPGEWRAFRLHTGPKPEPGEVIAALGIEGGVAIGPETLEVRVNGELCAFLGLVDLSKPRPDFPVYGFSVPLAAMRRGY
NLIEVTARQELRFGWAEFLIRPWHSHHHHHH
;
_entity_poly.pdbx_strand_id   A,B
#
# COMPACT_ATOMS: atom_id res chain seq x y z
N ILE A 6 15.65 22.88 -12.04
CA ILE A 6 15.81 21.95 -10.89
C ILE A 6 14.44 21.80 -10.25
N PRO A 7 14.17 20.67 -9.58
CA PRO A 7 12.88 20.55 -8.89
C PRO A 7 12.67 21.66 -7.85
N GLY A 8 13.70 21.99 -7.06
CA GLY A 8 13.63 23.04 -6.01
C GLY A 8 12.76 22.65 -4.80
N ILE A 9 12.43 23.64 -3.99
CA ILE A 9 11.83 23.52 -2.65
C ILE A 9 10.56 24.38 -2.58
N SER A 10 9.52 23.79 -1.97
CA SER A 10 8.36 24.49 -1.37
C SER A 10 8.55 24.53 0.14
N LEU A 11 8.34 25.68 0.78
CA LEU A 11 8.58 25.78 2.24
C LEU A 11 7.36 26.46 2.83
N ASN A 12 6.79 25.80 3.81
CA ASN A 12 5.59 26.16 4.57
C ASN A 12 5.97 26.92 5.85
N GLU A 13 5.44 28.14 5.98
CA GLU A 13 5.40 28.97 7.21
C GLU A 13 4.02 28.80 7.88
N ASP A 14 4.05 28.24 9.09
CA ASP A 14 2.82 27.94 9.82
C ASP A 14 2.21 29.27 10.31
N ASN A 15 1.06 29.16 10.93
CA ASN A 15 0.08 30.25 11.20
C ASN A 15 0.39 30.98 12.50
N SER A 16 1.25 30.42 13.35
CA SER A 16 1.59 30.90 14.73
C SER A 16 3.09 31.27 14.88
N HIS A 17 4.02 30.66 14.12
CA HIS A 17 5.49 30.70 14.35
C HIS A 17 6.06 32.14 14.41
N TYR A 18 5.74 32.95 13.40
CA TYR A 18 6.29 34.31 13.29
C TYR A 18 5.86 35.13 14.52
N PHE A 19 4.61 34.96 14.95
CA PHE A 19 3.96 35.80 15.96
C PHE A 19 4.58 35.44 17.32
N TYR A 20 4.73 34.14 17.63
CA TYR A 20 5.46 33.57 18.79
C TYR A 20 6.91 34.11 18.89
N THR A 21 7.67 33.94 17.82
CA THR A 21 9.14 34.17 17.82
C THR A 21 9.46 35.67 17.82
N ARG A 22 8.61 36.52 17.24
CA ARG A 22 8.88 37.98 17.18
C ARG A 22 8.09 38.72 18.27
N ALA A 23 7.47 37.97 19.19
CA ALA A 23 6.69 38.54 20.32
C ALA A 23 7.54 39.57 21.09
N GLY A 24 6.98 40.76 21.30
CA GLY A 24 7.57 41.82 22.14
C GLY A 24 8.46 42.76 21.35
N ARG A 25 8.93 42.34 20.19
CA ARG A 25 9.55 43.27 19.21
C ARG A 25 8.41 44.20 18.80
N ARG A 26 8.68 45.43 18.43
CA ARG A 26 7.65 46.23 17.72
C ARG A 26 8.13 46.20 16.26
N LEU A 27 7.33 45.57 15.41
CA LEU A 27 7.70 45.17 14.02
C LEU A 27 7.25 46.26 13.07
N SER A 28 8.19 46.90 12.39
CA SER A 28 7.87 47.81 11.27
C SER A 28 7.63 46.96 10.03
N ALA A 29 7.05 47.60 8.99
CA ALA A 29 6.89 47.01 7.65
C ALA A 29 8.24 46.46 7.16
N GLU A 30 9.33 47.17 7.40
CA GLU A 30 10.68 46.79 6.91
C GLU A 30 11.05 45.44 7.54
N GLU A 31 10.88 45.28 8.86
CA GLU A 31 11.29 44.02 9.54
C GLU A 31 10.39 42.89 9.02
N VAL A 32 9.09 43.12 8.91
CA VAL A 32 8.12 42.10 8.42
C VAL A 32 8.61 41.59 7.07
N ASP A 33 8.88 42.51 6.14
CA ASP A 33 9.41 42.18 4.79
C ASP A 33 10.66 41.32 4.92
N SER A 34 11.56 41.70 5.84
CA SER A 34 12.90 41.05 5.96
C SER A 34 12.77 39.53 6.24
N TRP A 35 11.66 39.06 6.81
CA TRP A 35 11.43 37.61 7.03
C TRP A 35 11.55 36.87 5.69
N VAL A 36 11.05 37.45 4.61
CA VAL A 36 11.15 36.80 3.27
C VAL A 36 12.63 36.70 2.81
N ASP A 37 13.38 37.75 2.99
CA ASP A 37 14.70 37.92 2.33
C ASP A 37 15.62 36.71 2.58
N GLN A 38 15.51 36.02 3.73
CA GLN A 38 16.41 34.92 4.16
C GLN A 38 16.25 33.76 3.18
N TYR A 39 15.12 33.67 2.46
CA TYR A 39 14.79 32.59 1.50
C TYR A 39 15.23 33.01 0.09
N ALA A 40 15.46 34.31 -0.14
CA ALA A 40 15.91 34.86 -1.43
C ALA A 40 17.25 34.22 -1.79
N GLY A 41 17.47 33.94 -3.07
CA GLY A 41 18.70 33.31 -3.57
C GLY A 41 18.84 31.85 -3.12
N THR A 42 17.80 31.19 -2.61
CA THR A 42 17.87 29.74 -2.23
C THR A 42 17.26 28.89 -3.33
N GLN A 43 17.10 27.58 -3.11
CA GLN A 43 16.41 26.70 -4.09
C GLN A 43 14.92 26.72 -3.79
N VAL A 44 14.47 27.53 -2.83
CA VAL A 44 13.02 27.68 -2.58
C VAL A 44 12.36 28.41 -3.76
N LYS A 45 11.35 27.81 -4.38
CA LYS A 45 10.52 28.38 -5.49
C LYS A 45 9.22 29.02 -4.99
N GLU A 46 8.62 28.48 -3.93
CA GLU A 46 7.30 28.90 -3.41
C GLU A 46 7.38 29.00 -1.89
N LEU A 47 6.88 30.07 -1.31
CA LEU A 47 6.67 30.02 0.16
C LEU A 47 5.19 29.76 0.38
N MET A 48 4.83 28.77 1.21
CA MET A 48 3.41 28.45 1.51
C MET A 48 3.09 29.13 2.86
N LEU A 49 2.43 30.28 2.78
CA LEU A 49 2.11 31.14 3.94
C LEU A 49 0.79 30.67 4.53
N CYS A 50 0.81 30.09 5.72
CA CYS A 50 -0.42 29.57 6.36
C CYS A 50 -0.98 30.70 7.24
N PRO A 51 -2.24 31.12 6.99
CA PRO A 51 -2.82 32.22 7.74
C PRO A 51 -3.86 31.76 8.78
N ASN A 52 -3.97 30.47 9.07
CA ASN A 52 -5.15 30.04 9.89
C ASN A 52 -4.96 28.70 10.58
N CYS A 53 -5.56 28.57 11.77
CA CYS A 53 -5.94 27.31 12.39
C CYS A 53 -7.48 27.37 12.40
N MET A 54 -8.17 27.13 13.52
CA MET A 54 -9.66 27.36 13.53
C MET A 54 -9.89 28.87 13.49
N ARG A 55 -8.84 29.66 13.83
CA ARG A 55 -8.86 31.14 13.86
C ARG A 55 -7.86 31.68 12.85
N THR A 56 -8.05 32.89 12.34
CA THR A 56 -7.04 33.53 11.46
C THR A 56 -6.01 34.30 12.31
N SER A 57 -4.77 34.43 11.81
CA SER A 57 -3.70 35.30 12.36
C SER A 57 -3.78 36.71 11.72
N TYR A 58 -4.60 36.90 10.68
CA TYR A 58 -4.86 38.21 10.06
C TYR A 58 -6.24 38.69 10.51
N ALA A 59 -6.59 39.95 10.19
CA ALA A 59 -7.84 40.58 10.66
C ALA A 59 -9.01 40.17 9.75
N SER A 60 -9.51 38.93 9.88
CA SER A 60 -10.54 38.36 8.97
C SER A 60 -11.84 39.10 9.25
N GLN A 61 -12.71 39.27 8.25
CA GLN A 61 -14.09 39.73 8.46
C GLN A 61 -15.11 38.56 8.44
N VAL A 62 -14.75 37.34 8.05
CA VAL A 62 -15.74 36.22 7.99
C VAL A 62 -15.42 35.19 9.10
N TRP A 63 -14.18 35.12 9.62
CA TRP A 63 -13.79 34.10 10.63
C TRP A 63 -13.42 34.82 11.92
N ASP A 64 -13.16 34.09 13.02
CA ASP A 64 -12.55 34.68 14.25
C ASP A 64 -11.05 34.90 14.00
N PRO A 65 -10.54 36.14 14.22
CA PRO A 65 -9.11 36.34 14.36
C PRO A 65 -8.69 35.68 15.69
N ILE A 66 -7.41 35.36 15.78
CA ILE A 66 -6.77 34.70 16.95
C ILE A 66 -7.02 35.51 18.23
N TRP A 67 -7.22 36.82 18.11
CA TRP A 67 -7.43 37.77 19.25
C TRP A 67 -8.91 38.10 19.50
N ARG A 68 -9.85 37.39 18.88
CA ARG A 68 -11.28 37.53 19.28
C ARG A 68 -11.43 37.26 20.79
N GLY A 69 -11.83 38.25 21.58
CA GLY A 69 -12.02 38.10 23.04
C GLY A 69 -10.84 38.64 23.85
N TYR A 70 -9.77 39.08 23.19
CA TYR A 70 -8.49 39.46 23.83
C TYR A 70 -8.65 40.86 24.44
N ASP A 71 -8.18 41.04 25.69
CA ASP A 71 -8.02 42.36 26.36
C ASP A 71 -6.54 42.77 26.25
N PRO A 72 -6.15 43.62 25.26
CA PRO A 72 -4.73 43.98 25.07
C PRO A 72 -4.09 44.56 26.33
N ALA A 73 -4.85 45.38 27.08
CA ALA A 73 -4.40 46.11 28.28
C ALA A 73 -4.40 45.17 29.49
N GLY A 74 -5.12 44.05 29.38
CA GLY A 74 -5.45 43.25 30.56
C GLY A 74 -4.30 42.36 30.98
N PRO A 75 -4.47 41.65 32.11
CA PRO A 75 -3.52 40.64 32.58
C PRO A 75 -3.68 39.31 31.82
N ASP A 76 -2.66 38.44 32.02
CA ASP A 76 -2.51 37.11 31.37
C ASP A 76 -3.69 36.19 31.75
N ASP A 77 -4.03 36.19 33.04
CA ASP A 77 -5.25 35.62 33.64
C ASP A 77 -6.40 36.53 33.24
N GLN A 78 -6.94 36.31 32.04
CA GLN A 78 -8.11 37.00 31.46
C GLN A 78 -8.90 35.92 30.72
N PRO A 79 -10.23 36.07 30.52
CA PRO A 79 -11.08 35.01 29.98
C PRO A 79 -10.43 34.17 28.85
N LEU A 80 -9.93 34.85 27.82
CA LEU A 80 -9.43 34.18 26.59
C LEU A 80 -8.32 33.16 26.92
N LEU A 81 -7.53 33.44 27.95
CA LEU A 81 -6.33 32.69 28.35
C LEU A 81 -6.57 31.93 29.66
N ALA A 82 -7.62 32.27 30.40
CA ALA A 82 -8.02 31.60 31.65
C ALA A 82 -7.68 30.10 31.54
N SER A 83 -8.14 29.38 30.51
CA SER A 83 -8.08 27.88 30.45
C SER A 83 -6.66 27.33 30.45
N LEU A 84 -5.63 28.07 30.01
CA LEU A 84 -4.22 27.59 30.00
C LEU A 84 -3.60 27.73 31.39
N PRO A 85 -2.54 26.97 31.74
CA PRO A 85 -1.75 27.26 32.94
C PRO A 85 -0.89 28.48 32.65
N PRO A 86 -0.41 29.21 33.68
CA PRO A 86 0.27 30.50 33.52
C PRO A 86 1.43 30.59 32.50
N GLU A 87 2.29 29.58 32.44
CA GLU A 87 3.54 29.70 31.63
C GLU A 87 3.19 29.53 30.15
N GLU A 88 2.08 28.84 29.84
CA GLU A 88 1.57 28.76 28.44
C GLU A 88 0.78 30.02 28.10
N ARG A 89 0.15 30.68 29.07
CA ARG A 89 -0.50 32.00 28.81
C ARG A 89 0.52 32.94 28.16
N VAL A 90 1.73 33.01 28.71
CA VAL A 90 2.83 33.88 28.18
C VAL A 90 3.05 33.58 26.69
N ALA A 91 3.20 32.29 26.32
CA ALA A 91 3.53 31.92 24.94
C ALA A 91 2.36 32.27 24.02
N ALA A 92 1.17 31.71 24.29
CA ALA A 92 -0.07 31.98 23.52
C ALA A 92 -0.23 33.48 23.31
N ARG A 93 -0.05 34.23 24.39
CA ARG A 93 -0.30 35.70 24.38
C ARG A 93 0.71 36.36 23.42
N GLY A 94 1.95 35.85 23.33
CA GLY A 94 2.95 36.34 22.34
C GLY A 94 2.37 36.26 20.94
N TRP A 95 1.76 35.12 20.61
CA TRP A 95 1.14 34.93 19.26
C TRP A 95 -0.02 35.93 19.12
N ILE A 96 -0.94 35.93 20.09
CA ILE A 96 -2.20 36.72 20.04
C ILE A 96 -1.86 38.22 19.90
N HIS A 97 -0.99 38.72 20.77
CA HIS A 97 -0.74 40.18 20.91
C HIS A 97 0.01 40.65 19.66
N THR A 98 0.93 39.84 19.13
CA THR A 98 1.76 40.28 18.00
C THR A 98 0.87 40.34 16.75
N ALA A 99 0.06 39.32 16.50
CA ALA A 99 -0.92 39.29 15.37
C ALA A 99 -1.86 40.49 15.49
N TRP A 100 -2.30 40.77 16.71
CA TRP A 100 -3.24 41.89 16.94
C TRP A 100 -2.52 43.23 16.64
N GLN A 101 -1.30 43.39 17.15
CA GLN A 101 -0.62 44.70 17.16
C GLN A 101 -0.22 45.06 15.74
N LEU A 102 0.24 44.09 14.95
CA LEU A 102 0.44 44.23 13.49
C LEU A 102 -0.79 44.90 12.85
N HIS A 103 -2.00 44.34 13.04
CA HIS A 103 -3.30 44.81 12.50
C HIS A 103 -3.52 46.28 12.90
N GLN A 104 -3.37 46.51 14.20
CA GLN A 104 -3.57 47.84 14.81
C GLN A 104 -2.65 48.86 14.12
N ASP A 105 -1.44 48.44 13.70
CA ASP A 105 -0.44 49.34 13.06
C ASP A 105 -0.74 49.44 11.56
N GLY A 106 -1.82 48.82 11.06
CA GLY A 106 -2.17 48.82 9.62
C GLY A 106 -1.24 47.95 8.77
N ILE A 107 -0.66 46.91 9.39
CA ILE A 107 0.26 45.94 8.70
C ILE A 107 -0.49 44.62 8.51
N ASP A 108 -0.90 44.32 7.28
CA ASP A 108 -1.48 42.99 6.90
C ASP A 108 -0.30 42.14 6.48
N ILE A 109 0.21 41.35 7.43
CA ILE A 109 1.48 40.57 7.28
C ILE A 109 1.47 39.73 6.02
N TYR A 110 0.33 39.12 5.66
CA TYR A 110 0.25 38.24 4.45
C TYR A 110 0.41 39.10 3.18
N ALA A 111 -0.23 40.26 3.07
CA ALA A 111 -0.11 41.21 1.93
C ALA A 111 1.36 41.62 1.76
N ARG A 112 2.05 41.85 2.87
CA ARG A 112 3.45 42.36 2.84
C ARG A 112 4.39 41.24 2.37
N TRP A 113 4.19 40.06 2.91
CA TRP A 113 4.94 38.82 2.56
C TRP A 113 4.74 38.45 1.08
N ILE A 114 3.50 38.50 0.59
CA ILE A 114 3.16 38.19 -0.82
C ILE A 114 3.92 39.17 -1.71
N ARG A 115 3.77 40.48 -1.48
CA ARG A 115 4.45 41.57 -2.22
C ARG A 115 5.96 41.33 -2.22
N ARG A 116 6.54 40.99 -1.04
CA ARG A 116 8.00 40.84 -0.85
C ARG A 116 8.50 39.54 -1.54
N CYS A 117 7.75 38.44 -1.41
CA CYS A 117 7.94 37.23 -2.24
C CYS A 117 8.16 37.62 -3.71
N ARG A 118 7.26 38.39 -4.34
CA ARG A 118 7.45 38.78 -5.77
C ARG A 118 8.76 39.55 -5.97
N GLN A 119 9.12 40.47 -5.09
CA GLN A 119 10.33 41.32 -5.29
C GLN A 119 11.57 40.42 -5.25
N ARG A 120 11.51 39.31 -4.51
CA ARG A 120 12.64 38.35 -4.28
C ARG A 120 12.59 37.14 -5.24
N GLY A 121 11.72 37.15 -6.27
CA GLY A 121 11.62 36.05 -7.26
C GLY A 121 11.06 34.79 -6.63
N ILE A 122 10.37 34.90 -5.49
CA ILE A 122 9.72 33.75 -4.84
C ILE A 122 8.24 33.81 -5.22
N SER A 123 7.67 32.65 -5.58
CA SER A 123 6.24 32.51 -5.88
C SER A 123 5.45 32.41 -4.58
N PRO A 124 4.58 33.40 -4.28
CA PRO A 124 3.84 33.44 -3.01
C PRO A 124 2.55 32.59 -3.00
N TRP A 125 2.42 31.69 -2.05
CA TRP A 125 1.23 30.84 -1.89
C TRP A 125 0.62 31.11 -0.52
N ILE A 126 -0.68 30.90 -0.42
CA ILE A 126 -1.47 30.79 0.84
C ILE A 126 -1.82 29.33 1.04
N SER A 127 -1.46 28.78 2.20
CA SER A 127 -1.82 27.40 2.63
C SER A 127 -2.86 27.46 3.77
N MET A 128 -4.07 27.05 3.45
CA MET A 128 -5.17 26.92 4.43
C MET A 128 -5.15 25.61 5.21
N ARG A 129 -5.23 25.72 6.54
CA ARG A 129 -5.43 24.54 7.41
C ARG A 129 -6.92 24.21 7.26
N MET A 130 -7.27 22.99 6.84
CA MET A 130 -8.69 22.65 6.52
C MET A 130 -9.45 22.17 7.76
N ASN A 131 -8.74 21.74 8.79
CA ASN A 131 -9.42 21.08 9.93
C ASN A 131 -8.44 20.88 11.08
N ASP A 132 -7.71 21.96 11.40
CA ASP A 132 -6.85 22.02 12.60
C ASP A 132 -7.67 21.75 13.86
N VAL A 133 -7.09 20.92 14.74
CA VAL A 133 -7.70 20.45 16.01
C VAL A 133 -6.69 20.49 17.16
N HIS A 134 -5.70 21.37 17.11
CA HIS A 134 -4.77 21.46 18.28
C HIS A 134 -5.56 21.79 19.55
N TYR A 135 -5.40 20.97 20.59
CA TYR A 135 -5.86 21.21 21.97
C TYR A 135 -7.39 21.17 22.05
N VAL A 136 -8.07 20.45 21.13
CA VAL A 136 -9.56 20.32 21.24
C VAL A 136 -9.96 19.60 22.53
N ASN A 137 -9.03 19.09 23.33
CA ASN A 137 -9.30 18.54 24.69
C ASN A 137 -9.78 19.64 25.63
N ASP A 138 -9.39 20.88 25.34
CA ASP A 138 -9.68 22.11 26.11
C ASP A 138 -10.71 22.92 25.30
N GLU A 139 -11.99 22.74 25.62
CA GLU A 139 -13.11 23.33 24.86
C GLU A 139 -13.11 24.84 25.08
N ARG A 140 -12.41 25.31 26.11
CA ARG A 140 -12.29 26.76 26.45
C ARG A 140 -11.08 27.42 25.76
N CYS A 141 -10.28 26.68 25.01
CA CYS A 141 -8.97 27.15 24.50
C CYS A 141 -9.13 28.35 23.55
N PHE A 142 -8.15 29.24 23.58
CA PHE A 142 -8.09 30.51 22.80
C PHE A 142 -8.16 30.23 21.30
N LEU A 143 -7.55 29.15 20.77
CA LEU A 143 -7.30 28.97 19.30
C LEU A 143 -8.50 28.30 18.58
N HIS A 144 -9.51 27.84 19.31
CA HIS A 144 -10.78 27.36 18.73
C HIS A 144 -11.68 28.52 18.26
N SER A 145 -12.38 28.31 17.14
CA SER A 145 -13.43 29.23 16.64
C SER A 145 -14.71 29.06 17.47
N GLU A 146 -15.45 30.14 17.57
CA GLU A 146 -16.74 30.18 18.28
C GLU A 146 -17.67 29.19 17.55
N PHE A 147 -17.66 29.18 16.21
CA PHE A 147 -18.47 28.25 15.38
C PHE A 147 -18.22 26.81 15.83
N TRP A 148 -16.96 26.38 15.91
CA TRP A 148 -16.54 25.06 16.45
C TRP A 148 -17.09 24.87 17.85
N ARG A 149 -16.95 25.89 18.74
CA ARG A 149 -17.25 25.75 20.20
C ARG A 149 -18.76 25.53 20.40
N GLU A 150 -19.60 26.13 19.57
CA GLU A 150 -21.07 26.17 19.77
C GLU A 150 -21.76 25.01 19.07
N ASN A 151 -21.03 24.18 18.33
CA ASN A 151 -21.62 23.21 17.37
C ASN A 151 -20.95 21.85 17.45
N PRO A 152 -20.91 21.25 18.66
CA PRO A 152 -20.35 19.92 18.83
C PRO A 152 -21.01 18.86 17.93
N GLN A 153 -22.28 19.08 17.52
CA GLN A 153 -23.04 18.19 16.59
C GLN A 153 -22.40 18.16 15.18
N LEU A 154 -21.46 19.07 14.87
CA LEU A 154 -20.75 19.06 13.57
C LEU A 154 -19.45 18.22 13.65
N ARG A 155 -19.12 17.58 14.76
CA ARG A 155 -17.80 16.88 14.87
C ARG A 155 -17.88 15.50 14.20
N ARG A 156 -16.75 14.93 13.79
CA ARG A 156 -16.76 13.70 12.96
C ARG A 156 -17.05 12.47 13.83
N VAL A 157 -16.72 12.48 15.12
CA VAL A 157 -16.95 11.30 15.98
C VAL A 157 -17.63 11.77 17.25
N PRO A 158 -18.98 11.81 17.32
CA PRO A 158 -19.67 12.17 18.57
C PRO A 158 -19.66 11.12 19.70
N TYR A 159 -19.30 9.85 19.48
CA TYR A 159 -19.55 8.77 20.47
C TYR A 159 -18.32 8.48 21.32
N ARG A 160 -17.20 9.13 21.06
CA ARG A 160 -16.02 9.00 21.93
C ARG A 160 -15.13 10.20 21.67
N PHE A 161 -14.22 10.43 22.59
CA PHE A 161 -13.07 11.35 22.43
C PHE A 161 -11.84 10.58 22.89
N ALA A 162 -11.13 9.93 21.98
CA ALA A 162 -9.86 9.25 22.30
C ALA A 162 -8.68 9.94 21.59
N GLU A 163 -8.93 10.77 20.58
CA GLU A 163 -7.91 11.49 19.76
C GLU A 163 -8.48 12.87 19.41
N TRP A 164 -7.62 13.90 19.30
CA TRP A 164 -7.98 15.25 18.79
C TRP A 164 -8.84 15.19 17.53
N THR A 165 -8.56 14.28 16.59
CA THR A 165 -9.27 14.15 15.28
C THR A 165 -10.74 13.68 15.48
N ASP A 166 -11.05 13.06 16.62
CA ASP A 166 -12.47 12.72 16.96
C ASP A 166 -13.28 14.03 17.11
N ARG A 167 -12.67 15.20 17.38
CA ARG A 167 -13.46 16.46 17.54
C ARG A 167 -13.25 17.37 16.34
N ALA A 168 -12.69 16.87 15.23
CA ALA A 168 -12.54 17.63 13.96
C ALA A 168 -13.92 17.87 13.37
N PHE A 169 -14.06 18.88 12.54
CA PHE A 169 -15.28 19.12 11.75
C PHE A 169 -15.56 17.94 10.81
N ASP A 170 -16.84 17.66 10.64
CA ASP A 170 -17.35 16.68 9.63
C ASP A 170 -17.60 17.40 8.32
N TYR A 171 -16.76 17.24 7.34
CA TYR A 171 -16.96 17.88 6.00
C TYR A 171 -18.13 17.25 5.25
N GLY A 172 -18.73 16.17 5.80
CA GLY A 172 -20.00 15.63 5.30
C GLY A 172 -21.17 16.55 5.61
N ARG A 173 -21.01 17.57 6.46
CA ARG A 173 -22.05 18.61 6.76
C ARG A 173 -21.87 19.85 5.86
N ALA A 174 -22.96 20.26 5.19
CA ALA A 174 -23.05 21.48 4.34
C ALA A 174 -22.58 22.72 5.14
N GLU A 175 -22.90 22.77 6.43
CA GLU A 175 -22.52 23.89 7.34
C GLU A 175 -20.97 23.96 7.48
N VAL A 176 -20.30 22.81 7.45
CA VAL A 176 -18.83 22.77 7.64
C VAL A 176 -18.19 23.21 6.32
N ARG A 177 -18.67 22.70 5.20
CA ARG A 177 -18.14 23.12 3.89
C ARG A 177 -18.31 24.65 3.73
N GLU A 178 -19.52 25.18 4.00
CA GLU A 178 -19.82 26.62 3.88
C GLU A 178 -18.84 27.43 4.76
N HIS A 179 -18.65 27.01 6.03
CA HIS A 179 -17.74 27.67 6.98
C HIS A 179 -16.33 27.75 6.38
N HIS A 180 -15.84 26.64 5.81
CA HIS A 180 -14.48 26.61 5.23
C HIS A 180 -14.45 27.38 3.90
N LEU A 181 -15.53 27.36 3.10
CA LEU A 181 -15.53 28.08 1.80
C LEU A 181 -15.64 29.59 2.02
N LYS A 182 -16.21 30.06 3.14
CA LYS A 182 -16.25 31.51 3.49
C LYS A 182 -14.82 32.09 3.55
N LEU A 183 -13.93 31.46 4.34
CA LEU A 183 -12.48 31.82 4.45
C LEU A 183 -11.82 31.85 3.08
N ILE A 184 -11.94 30.79 2.29
CA ILE A 184 -11.33 30.66 0.93
C ILE A 184 -11.76 31.84 0.05
N ARG A 185 -13.05 32.11 0.02
CA ARG A 185 -13.66 33.26 -0.71
C ARG A 185 -13.04 34.58 -0.23
N GLU A 186 -12.82 34.71 1.09
CA GLU A 186 -12.20 35.93 1.64
C GLU A 186 -10.70 35.94 1.26
N LEU A 187 -10.03 34.80 1.38
CA LEU A 187 -8.59 34.70 1.04
C LEU A 187 -8.37 35.13 -0.41
N ALA A 188 -9.11 34.57 -1.36
CA ALA A 188 -8.98 34.96 -2.79
C ALA A 188 -9.26 36.45 -3.02
N ALA A 189 -10.18 37.07 -2.28
CA ALA A 189 -10.54 38.50 -2.47
C ALA A 189 -9.50 39.42 -1.84
N ARG A 190 -8.95 39.06 -0.69
CA ARG A 190 -8.01 39.92 0.05
C ARG A 190 -6.56 39.80 -0.47
N TYR A 191 -6.13 38.63 -0.96
CA TYR A 191 -4.71 38.32 -1.26
C TYR A 191 -4.54 37.92 -2.72
N ASP A 192 -3.65 38.63 -3.43
CA ASP A 192 -3.31 38.34 -4.84
C ASP A 192 -2.16 37.32 -4.83
N PHE A 193 -2.46 36.06 -4.57
CA PHE A 193 -1.46 34.95 -4.42
C PHE A 193 -1.25 34.29 -5.78
N ASP A 194 -0.14 33.55 -5.92
CA ASP A 194 0.18 32.77 -7.14
C ASP A 194 -0.55 31.44 -7.03
N GLY A 195 -0.80 30.96 -5.80
CA GLY A 195 -1.55 29.71 -5.59
C GLY A 195 -2.17 29.57 -4.20
N LEU A 196 -3.26 28.84 -4.16
CA LEU A 196 -3.89 28.42 -2.89
C LEU A 196 -3.51 26.95 -2.68
N GLU A 197 -3.06 26.57 -1.49
CA GLU A 197 -2.95 25.13 -1.13
C GLU A 197 -4.03 24.78 -0.10
N LEU A 198 -4.80 23.74 -0.37
CA LEU A 198 -5.78 23.24 0.62
C LEU A 198 -5.02 22.21 1.45
N ASP A 199 -4.64 22.54 2.70
CA ASP A 199 -3.79 21.61 3.51
C ASP A 199 -4.73 20.66 4.26
N TRP A 200 -5.12 19.53 3.63
CA TRP A 200 -6.08 18.53 4.19
C TRP A 200 -5.40 17.82 5.37
N MET A 201 -4.08 17.91 5.41
CA MET A 201 -3.23 17.04 6.26
C MET A 201 -3.09 17.70 7.64
N ARG A 202 -3.72 18.86 7.83
CA ARG A 202 -4.02 19.37 9.18
C ARG A 202 -5.53 19.27 9.39
N PHE A 203 -6.00 18.13 10.01
CA PHE A 203 -5.22 17.00 10.52
C PHE A 203 -5.49 15.67 9.78
N GLY A 204 -5.99 15.74 8.53
CA GLY A 204 -6.20 14.58 7.64
C GLY A 204 -7.54 13.84 7.82
N PHE A 205 -8.29 14.13 8.87
CA PHE A 205 -9.49 13.38 9.27
C PHE A 205 -10.73 14.30 9.19
N HIS A 206 -11.56 14.09 8.15
CA HIS A 206 -12.59 15.05 7.71
C HIS A 206 -13.98 14.46 7.71
N PHE A 207 -14.16 13.15 7.93
CA PHE A 207 -15.48 12.50 7.74
C PHE A 207 -15.80 11.55 8.89
N ARG A 208 -17.06 11.21 9.09
CA ARG A 208 -17.48 10.18 10.07
C ARG A 208 -16.75 8.88 9.72
N PRO A 209 -16.29 8.08 10.70
CA PRO A 209 -15.78 6.73 10.44
C PRO A 209 -16.79 5.90 9.63
N GLY A 210 -16.32 5.35 8.51
CA GLY A 210 -17.12 4.56 7.57
C GLY A 210 -17.73 5.37 6.44
N TYR A 211 -17.71 6.72 6.49
CA TYR A 211 -18.30 7.59 5.43
C TYR A 211 -17.27 8.09 4.41
N GLU A 212 -16.10 7.47 4.29
CA GLU A 212 -14.95 8.10 3.57
C GLU A 212 -15.15 8.00 2.06
N ALA A 213 -15.95 7.06 1.56
CA ALA A 213 -16.19 6.94 0.11
C ALA A 213 -17.15 8.06 -0.35
N GLU A 214 -18.29 8.26 0.32
CA GLU A 214 -19.15 9.45 0.12
C GLU A 214 -18.27 10.69 0.31
N GLY A 215 -17.43 10.71 1.33
CA GLY A 215 -16.43 11.77 1.56
C GLY A 215 -15.65 12.11 0.29
N ALA A 216 -15.17 11.09 -0.44
CA ALA A 216 -14.35 11.28 -1.65
C ALA A 216 -15.11 12.09 -2.72
N GLU A 217 -16.37 11.80 -2.96
CA GLU A 217 -17.19 12.55 -3.94
C GLU A 217 -17.28 14.01 -3.42
N ILE A 218 -17.43 14.14 -2.09
CA ILE A 218 -17.67 15.45 -1.44
C ILE A 218 -16.41 16.32 -1.58
N LEU A 219 -15.21 15.80 -1.33
CA LEU A 219 -14.03 16.69 -1.42
C LEU A 219 -13.70 17.01 -2.89
N THR A 220 -14.05 16.16 -3.84
CA THR A 220 -13.82 16.41 -5.29
C THR A 220 -14.67 17.63 -5.67
N ALA A 221 -15.96 17.64 -5.28
CA ALA A 221 -16.96 18.70 -5.55
C ALA A 221 -16.53 20.02 -4.91
N PHE A 222 -16.05 19.97 -3.68
CA PHE A 222 -15.47 21.11 -2.93
C PHE A 222 -14.25 21.63 -3.70
N THR A 223 -13.28 20.75 -3.99
CA THR A 223 -12.09 21.15 -4.78
C THR A 223 -12.59 21.88 -6.04
N ALA A 224 -13.57 21.32 -6.76
CA ALA A 224 -14.09 21.87 -8.03
C ALA A 224 -14.66 23.29 -7.82
N GLU A 225 -15.32 23.56 -6.69
CA GLU A 225 -15.81 24.95 -6.44
C GLU A 225 -14.61 25.88 -6.23
N VAL A 226 -13.55 25.42 -5.54
CA VAL A 226 -12.31 26.22 -5.30
C VAL A 226 -11.68 26.59 -6.65
N ARG A 227 -11.59 25.65 -7.59
CA ARG A 227 -11.00 25.89 -8.93
C ARG A 227 -11.85 26.94 -9.67
N ARG A 228 -13.18 26.79 -9.67
CA ARG A 228 -14.11 27.72 -10.40
C ARG A 228 -13.97 29.16 -9.85
N LEU A 229 -13.95 29.31 -8.52
CA LEU A 229 -13.63 30.57 -7.80
C LEU A 229 -12.28 31.12 -8.26
N LEU A 230 -11.22 30.34 -8.28
CA LEU A 230 -9.89 30.89 -8.67
C LEU A 230 -9.84 31.25 -10.17
N ASP A 231 -10.56 30.53 -11.04
CA ASP A 231 -10.72 30.85 -12.49
C ASP A 231 -11.22 32.30 -12.62
N ASP A 232 -12.22 32.69 -11.84
CA ASP A 232 -12.74 34.09 -11.78
C ASP A 232 -11.62 35.06 -11.39
N TRP A 233 -10.98 34.85 -10.23
CA TRP A 233 -9.89 35.71 -9.72
C TRP A 233 -8.76 35.78 -10.76
N GLU A 234 -8.57 34.73 -11.57
CA GLU A 234 -7.50 34.73 -12.60
C GLU A 234 -7.79 35.85 -13.61
N LYS A 235 -9.06 36.07 -13.96
CA LYS A 235 -9.45 37.14 -14.92
C LYS A 235 -9.34 38.52 -14.26
N ARG A 236 -9.78 38.63 -13.01
CA ARG A 236 -9.67 39.85 -12.16
C ARG A 236 -8.20 40.23 -12.02
N ARG A 237 -7.32 39.27 -11.68
CA ARG A 237 -5.93 39.57 -11.25
C ARG A 237 -5.01 39.66 -12.46
N GLY A 238 -5.38 39.02 -13.57
CA GLY A 238 -4.63 39.00 -14.85
C GLY A 238 -3.45 38.06 -14.84
N HIS A 239 -3.47 37.01 -14.04
CA HIS A 239 -2.42 35.97 -14.11
C HIS A 239 -3.05 34.66 -13.68
N LYS A 240 -2.37 33.57 -13.99
CA LYS A 240 -2.78 32.21 -13.58
C LYS A 240 -2.74 32.17 -12.05
N ILE A 241 -3.71 31.50 -11.44
CA ILE A 241 -3.68 31.13 -10.00
C ILE A 241 -3.69 29.59 -9.93
N HIS A 242 -2.70 28.98 -9.26
CA HIS A 242 -2.59 27.52 -9.08
C HIS A 242 -3.46 27.09 -7.92
N LEU A 243 -3.86 25.83 -7.91
CA LEU A 243 -4.56 25.22 -6.77
C LEU A 243 -3.87 23.91 -6.47
N GLY A 244 -3.51 23.73 -5.20
CA GLY A 244 -2.87 22.51 -4.71
C GLY A 244 -3.49 21.99 -3.40
N ALA A 245 -3.02 20.80 -3.00
CA ALA A 245 -3.50 20.00 -1.84
C ALA A 245 -2.38 19.15 -1.27
N ARG A 246 -2.34 19.12 0.07
CA ARG A 246 -1.62 18.12 0.90
C ARG A 246 -2.57 16.94 1.15
N ILE A 247 -2.11 15.75 0.87
CA ILE A 247 -2.83 14.49 0.92
C ILE A 247 -1.84 13.49 1.53
N PRO A 248 -2.36 12.34 2.03
CA PRO A 248 -1.47 11.28 2.48
C PRO A 248 -0.47 10.72 1.43
N SER A 249 0.50 10.02 1.99
CA SER A 249 1.75 9.52 1.36
C SER A 249 1.52 8.28 0.46
N ARG A 250 0.47 7.47 0.70
CA ARG A 250 0.13 6.28 -0.11
C ARG A 250 -1.27 6.47 -0.68
N PRO A 251 -1.49 6.24 -2.00
CA PRO A 251 -2.80 6.41 -2.62
C PRO A 251 -3.97 5.68 -1.93
N ALA A 252 -3.77 4.43 -1.52
CA ALA A 252 -4.76 3.67 -0.72
C ALA A 252 -5.13 4.52 0.50
N THR A 253 -4.17 5.06 1.27
CA THR A 253 -4.54 5.79 2.50
C THR A 253 -5.22 7.11 2.13
N ALA A 254 -4.68 7.84 1.14
CA ALA A 254 -5.30 9.07 0.58
C ALA A 254 -6.79 8.84 0.18
N LEU A 255 -7.14 7.79 -0.59
CA LEU A 255 -8.54 7.49 -1.01
C LEU A 255 -9.37 7.03 0.20
N GLY A 256 -8.81 6.21 1.11
CA GLY A 256 -9.51 5.76 2.31
C GLY A 256 -9.84 6.88 3.28
N LEU A 257 -9.25 8.07 3.12
CA LEU A 257 -9.59 9.29 3.92
C LEU A 257 -10.42 10.29 3.08
N GLY A 258 -10.89 9.89 1.90
CA GLY A 258 -11.80 10.69 1.06
C GLY A 258 -11.06 11.69 0.21
N MET A 259 -9.76 11.50 0.03
CA MET A 259 -8.94 12.35 -0.86
C MET A 259 -8.63 11.53 -2.11
N ASP A 260 -9.33 11.80 -3.22
CA ASP A 260 -9.20 11.10 -4.52
C ASP A 260 -8.53 12.08 -5.47
N ALA A 261 -7.22 12.23 -5.24
CA ALA A 261 -6.34 13.25 -5.85
C ALA A 261 -6.16 12.95 -7.33
N VAL A 262 -6.23 11.67 -7.69
CA VAL A 262 -6.07 11.25 -9.11
C VAL A 262 -7.24 11.82 -9.91
N THR A 263 -8.47 11.76 -9.41
CA THR A 263 -9.63 12.45 -10.02
C THR A 263 -9.38 13.96 -10.06
N TRP A 264 -8.94 14.59 -8.98
CA TRP A 264 -8.69 16.06 -8.93
C TRP A 264 -7.74 16.41 -10.08
N ALA A 265 -6.70 15.59 -10.30
CA ALA A 265 -5.64 15.86 -11.29
C ALA A 265 -6.23 15.61 -12.68
N ARG A 266 -6.88 14.47 -12.88
CA ARG A 266 -7.32 14.07 -14.24
C ARG A 266 -8.37 15.05 -14.71
N ARG A 267 -9.21 15.57 -13.80
CA ARG A 267 -10.32 16.53 -14.10
CA ARG A 267 -10.28 16.52 -14.20
C ARG A 267 -9.78 17.97 -14.19
N GLY A 268 -8.50 18.20 -13.94
CA GLY A 268 -7.94 19.56 -14.05
C GLY A 268 -8.29 20.47 -12.88
N LEU A 269 -8.48 19.94 -11.69
CA LEU A 269 -8.87 20.75 -10.52
C LEU A 269 -7.63 21.30 -9.81
N VAL A 270 -6.58 20.52 -9.68
CA VAL A 270 -5.34 20.86 -8.93
C VAL A 270 -4.19 20.79 -9.93
N ASP A 271 -3.09 21.49 -9.68
CA ASP A 271 -1.87 21.36 -10.52
C ASP A 271 -0.62 21.17 -9.63
N MET A 272 -0.83 20.91 -8.33
CA MET A 272 0.23 20.49 -7.41
C MET A 272 -0.43 19.62 -6.33
N LEU A 273 0.17 18.47 -6.10
CA LEU A 273 -0.14 17.60 -4.94
C LEU A 273 1.14 17.41 -4.13
N VAL A 274 0.96 17.51 -2.82
CA VAL A 274 2.04 17.29 -1.85
C VAL A 274 1.68 16.05 -1.07
N ILE A 275 2.45 15.01 -1.26
CA ILE A 275 2.28 13.75 -0.48
C ILE A 275 3.11 13.90 0.79
N THR A 276 2.55 13.52 1.94
CA THR A 276 3.21 13.84 3.22
C THR A 276 2.65 12.97 4.35
N PRO A 277 3.52 12.75 5.38
CA PRO A 277 3.05 12.39 6.71
C PRO A 277 2.29 13.58 7.36
N PHE A 278 1.63 13.24 8.46
CA PHE A 278 0.92 14.16 9.39
C PHE A 278 1.98 15.00 10.12
N TRP A 279 2.82 14.30 10.90
CA TRP A 279 3.66 14.95 11.94
C TRP A 279 4.72 14.03 12.60
N ALA A 280 4.32 12.82 12.99
CA ALA A 280 5.01 11.95 13.98
C ALA A 280 6.44 11.62 13.51
N SER A 281 6.67 11.56 12.18
CA SER A 281 8.01 11.53 11.54
C SER A 281 7.86 11.93 10.08
N ALA A 282 8.95 12.43 9.50
CA ALA A 282 9.23 12.36 8.05
C ALA A 282 9.19 10.89 7.62
N GLU A 283 8.70 10.66 6.41
CA GLU A 283 8.80 9.38 5.66
C GLU A 283 9.93 9.57 4.67
N THR A 284 10.94 8.72 4.82
CA THR A 284 12.12 8.71 3.94
C THR A 284 11.73 7.85 2.74
N ASP A 285 10.63 7.11 2.85
CA ASP A 285 10.23 6.17 1.79
C ASP A 285 8.76 6.37 1.49
N MET A 286 8.43 6.84 0.29
CA MET A 286 7.04 7.07 -0.12
C MET A 286 6.92 6.61 -1.56
N PRO A 287 5.80 6.05 -2.00
CA PRO A 287 5.72 5.43 -3.34
C PRO A 287 5.57 6.44 -4.50
N VAL A 288 6.61 7.25 -4.68
CA VAL A 288 6.63 8.33 -5.71
C VAL A 288 6.34 7.73 -7.10
N GLU A 289 6.89 6.55 -7.44
CA GLU A 289 6.80 6.00 -8.80
C GLU A 289 5.35 5.65 -9.12
N ILE A 290 4.64 5.03 -8.17
CA ILE A 290 3.18 4.74 -8.27
C ILE A 290 2.40 6.05 -8.46
N TRP A 291 2.65 7.06 -7.64
CA TRP A 291 1.97 8.38 -7.82
C TRP A 291 2.30 8.95 -9.21
N ARG A 292 3.56 8.89 -9.70
CA ARG A 292 3.88 9.46 -11.04
C ARG A 292 3.07 8.70 -12.10
N GLN A 293 2.90 7.39 -11.95
CA GLN A 293 2.16 6.56 -12.94
C GLN A 293 0.70 7.00 -12.87
N LEU A 294 0.17 7.17 -11.64
CA LEU A 294 -1.21 7.67 -11.42
C LEU A 294 -1.42 9.04 -12.09
N LEU A 295 -0.39 9.89 -12.13
CA LEU A 295 -0.59 11.32 -12.45
C LEU A 295 -0.19 11.63 -13.88
N GLU A 296 0.31 10.59 -14.56
CA GLU A 296 0.89 10.60 -15.91
C GLU A 296 -0.05 11.37 -16.83
N GLY A 297 0.51 12.35 -17.56
CA GLY A 297 -0.16 13.16 -18.58
C GLY A 297 -1.07 14.21 -17.95
N THR A 298 -1.08 14.40 -16.64
CA THR A 298 -1.98 15.44 -16.03
C THR A 298 -1.27 16.81 -15.97
N GLY A 299 0.06 16.85 -16.08
CA GLY A 299 0.89 18.05 -15.82
C GLY A 299 0.89 18.52 -14.37
N VAL A 300 0.40 17.72 -13.42
CA VAL A 300 0.43 18.08 -11.98
C VAL A 300 1.88 17.98 -11.46
N THR A 301 2.34 18.97 -10.70
CA THR A 301 3.62 18.90 -10.00
C THR A 301 3.45 18.02 -8.78
N LEU A 302 4.23 16.95 -8.65
CA LEU A 302 4.20 16.06 -7.45
C LEU A 302 5.30 16.53 -6.49
N ALA A 303 4.95 16.94 -5.29
CA ALA A 303 5.92 17.37 -4.28
C ALA A 303 5.88 16.33 -3.18
N ALA A 304 7.08 15.93 -2.73
CA ALA A 304 7.32 14.98 -1.63
C ALA A 304 7.47 15.79 -0.33
N GLY A 305 6.51 15.61 0.58
CA GLY A 305 6.40 16.29 1.87
C GLY A 305 7.32 15.72 2.92
N LEU A 306 8.22 16.53 3.48
CA LEU A 306 9.01 16.15 4.69
C LEU A 306 8.47 16.83 5.93
N GLU A 307 8.47 16.13 7.05
CA GLU A 307 8.24 16.68 8.41
C GLU A 307 9.59 16.80 9.13
N VAL A 308 9.70 17.64 10.16
CA VAL A 308 10.97 18.00 10.84
C VAL A 308 11.41 16.86 11.79
N LEU A 309 10.49 16.23 12.52
CA LEU A 309 10.78 15.04 13.36
C LEU A 309 11.30 13.91 12.48
N LEU A 310 12.23 13.14 12.99
CA LEU A 310 12.76 11.88 12.39
C LEU A 310 12.74 10.84 13.51
N ARG A 311 11.74 9.96 13.52
CA ARG A 311 11.63 8.93 14.60
C ARG A 311 11.54 7.53 13.99
N PRO A 312 12.15 6.52 14.62
CA PRO A 312 12.18 5.16 14.09
C PRO A 312 10.89 4.34 14.16
N TYR A 313 10.05 4.55 15.16
CA TYR A 313 8.72 3.88 15.23
C TYR A 313 7.76 4.76 16.05
N PRO A 314 6.43 4.53 15.92
CA PRO A 314 5.43 5.33 16.62
C PRO A 314 5.60 5.48 18.14
N ASP A 315 5.97 4.41 18.83
CA ASP A 315 6.08 4.37 20.30
C ASP A 315 7.47 4.85 20.72
N SER A 316 8.30 5.37 19.81
CA SER A 316 9.67 5.82 20.23
C SER A 316 9.53 7.02 21.18
N PRO A 317 10.17 7.01 22.38
CA PRO A 317 10.24 8.20 23.23
C PRO A 317 11.28 9.24 22.73
N LEU A 318 11.99 9.00 21.62
CA LEU A 318 12.92 10.00 21.00
C LEU A 318 12.11 11.06 20.24
N PHE A 319 12.45 12.33 20.37
CA PHE A 319 11.76 13.43 19.63
C PHE A 319 12.82 14.41 19.10
N GLN A 320 13.74 13.88 18.34
CA GLN A 320 14.83 14.63 17.69
C GLN A 320 14.35 14.94 16.27
N THR A 321 14.88 16.00 15.67
CA THR A 321 14.51 16.49 14.33
C THR A 321 15.46 15.90 13.28
N ASN A 322 15.09 16.04 12.00
CA ASN A 322 16.06 15.91 10.91
C ASN A 322 17.29 16.83 11.13
N SER A 323 18.42 16.41 10.59
CA SER A 323 19.66 17.20 10.40
C SER A 323 19.83 17.52 8.92
N LEU A 324 20.82 18.34 8.56
CA LEU A 324 21.15 18.52 7.13
C LEU A 324 21.44 17.13 6.48
N GLU A 325 22.17 16.23 7.13
CA GLU A 325 22.58 14.94 6.48
C GLU A 325 21.33 14.08 6.16
N THR A 326 20.38 13.98 7.10
CA THR A 326 19.16 13.13 6.94
C THR A 326 18.15 13.76 5.94
N VAL A 327 18.03 15.09 5.82
CA VAL A 327 17.18 15.75 4.77
C VAL A 327 17.88 15.60 3.41
N ARG A 328 19.23 15.71 3.35
CA ARG A 328 20.00 15.37 2.13
C ARG A 328 19.63 13.97 1.65
N GLY A 329 19.70 13.02 2.57
CA GLY A 329 19.27 11.62 2.31
C GLY A 329 17.85 11.52 1.76
N ALA A 330 16.81 12.02 2.48
CA ALA A 330 15.39 12.01 2.05
C ALA A 330 15.28 12.61 0.65
N ALA A 331 15.98 13.73 0.46
CA ALA A 331 15.84 14.61 -0.74
C ALA A 331 16.43 13.87 -1.93
N ALA A 332 17.69 13.44 -1.82
CA ALA A 332 18.38 12.62 -2.83
C ALA A 332 17.45 11.48 -3.26
N SER A 333 16.91 10.74 -2.30
CA SER A 333 16.04 9.57 -2.58
C SER A 333 14.79 9.98 -3.36
N LEU A 334 14.00 10.91 -2.82
CA LEU A 334 12.68 11.28 -3.42
C LEU A 334 12.93 11.97 -4.78
N LEU A 335 13.92 12.83 -4.92
CA LEU A 335 14.11 13.45 -6.27
C LEU A 335 14.46 12.30 -7.24
N ASP A 336 15.32 11.37 -6.80
CA ASP A 336 15.78 10.28 -7.70
C ASP A 336 14.61 9.37 -8.09
N ARG A 337 13.55 9.27 -7.30
CA ARG A 337 12.35 8.49 -7.67
C ARG A 337 11.42 9.30 -8.57
N GLY A 338 11.58 10.64 -8.65
CA GLY A 338 10.83 11.50 -9.59
C GLY A 338 9.91 12.53 -8.94
N ALA A 339 10.03 12.84 -7.64
CA ALA A 339 9.47 14.06 -7.02
C ALA A 339 9.94 15.28 -7.81
N GLN A 340 9.01 16.19 -8.06
CA GLN A 340 9.24 17.40 -8.89
C GLN A 340 9.37 18.63 -7.99
N ARG A 341 9.42 18.44 -6.66
CA ARG A 341 9.59 19.46 -5.64
C ARG A 341 9.89 18.73 -4.35
N ILE A 342 10.80 19.18 -3.49
CA ILE A 342 10.81 18.78 -2.06
C ILE A 342 10.08 19.88 -1.26
N TYR A 343 9.06 19.51 -0.49
CA TYR A 343 8.17 20.41 0.26
C TYR A 343 8.51 20.27 1.76
N LEU A 344 8.80 21.35 2.46
CA LEU A 344 9.29 21.32 3.87
C LEU A 344 8.20 21.90 4.74
N PHE A 345 7.73 21.09 5.70
CA PHE A 345 6.72 21.47 6.71
C PHE A 345 7.46 21.39 8.06
N ASN A 346 7.32 22.46 8.84
CA ASN A 346 7.89 22.59 10.20
C ASN A 346 9.40 22.82 10.12
N TYR A 347 9.90 23.26 8.99
CA TYR A 347 11.35 23.66 8.88
C TYR A 347 11.41 25.18 8.80
N MET A 348 11.07 25.80 9.91
CA MET A 348 11.02 27.28 9.98
C MET A 348 12.36 27.82 10.51
N ASP A 349 12.46 29.15 10.68
CA ASP A 349 13.77 29.81 10.92
C ASP A 349 14.13 29.75 12.40
N SER A 350 13.28 29.16 13.23
CA SER A 350 13.44 29.15 14.70
C SER A 350 12.26 28.44 15.35
N GLN A 351 12.54 27.88 16.54
CA GLN A 351 11.61 27.27 17.52
C GLN A 351 11.06 25.97 16.91
N THR A 352 10.30 26.02 15.81
CA THR A 352 9.93 24.81 15.02
C THR A 352 10.88 24.71 13.86
N ALA A 353 12.01 24.05 14.10
CA ALA A 353 13.18 24.08 13.21
C ALA A 353 14.05 22.82 13.38
N MET A 354 14.83 22.52 12.36
CA MET A 354 15.95 21.55 12.48
CA MET A 354 15.96 21.56 12.47
C MET A 354 16.80 21.96 13.69
N GLU A 355 17.30 20.99 14.47
CA GLU A 355 18.11 21.19 15.72
C GLU A 355 19.49 21.76 15.35
N ASP A 356 20.08 21.31 14.24
CA ASP A 356 21.29 21.90 13.64
C ASP A 356 20.91 23.13 12.76
N LEU A 357 20.37 24.16 13.40
CA LEU A 357 19.77 25.34 12.74
C LEU A 357 20.84 26.12 11.97
N GLU A 358 22.09 26.08 12.44
CA GLU A 358 23.26 26.73 11.80
C GLU A 358 23.38 26.25 10.35
N ASN A 359 22.87 25.05 10.03
CA ASN A 359 22.96 24.46 8.66
C ASN A 359 21.74 24.80 7.80
N TYR A 360 20.79 25.62 8.26
CA TYR A 360 19.53 25.96 7.52
C TYR A 360 19.82 26.68 6.21
N PRO A 361 20.74 27.67 6.14
CA PRO A 361 21.04 28.30 4.85
C PRO A 361 21.56 27.24 3.85
N THR A 362 22.45 26.34 4.27
CA THR A 362 23.04 25.29 3.39
C THR A 362 21.90 24.40 2.87
N LEU A 363 21.06 23.92 3.78
CA LEU A 363 19.90 23.04 3.44
C LEU A 363 19.05 23.66 2.35
N LEU A 364 18.75 24.95 2.42
CA LEU A 364 17.88 25.69 1.45
C LEU A 364 18.57 25.87 0.09
N ARG A 365 19.91 25.78 0.04
CA ARG A 365 20.66 25.89 -1.24
C ARG A 365 21.11 24.53 -1.75
N GLU A 366 20.73 23.38 -1.15
CA GLU A 366 21.23 22.04 -1.61
C GLU A 366 20.13 21.02 -1.94
N ILE A 367 19.08 20.88 -1.12
CA ILE A 367 18.14 19.71 -1.16
C ILE A 367 17.16 19.79 -2.34
N GLY A 368 17.21 20.84 -3.18
CA GLY A 368 16.26 21.03 -4.29
C GLY A 368 16.78 20.54 -5.64
N SER A 369 17.98 19.94 -5.70
CA SER A 369 18.55 19.33 -6.93
C SER A 369 19.49 18.17 -6.60
N LEU A 370 19.47 17.10 -7.37
CA LEU A 370 20.55 16.06 -7.27
C LEU A 370 21.95 16.67 -7.46
N GLU A 371 22.12 17.63 -8.39
CA GLU A 371 23.42 18.29 -8.66
C GLU A 371 24.01 18.90 -7.38
N THR A 372 23.20 19.57 -6.55
CA THR A 372 23.69 20.26 -5.32
C THR A 372 23.81 19.24 -4.17
N LEU A 373 23.28 18.03 -4.34
CA LEU A 373 23.37 16.93 -3.34
C LEU A 373 24.55 16.00 -3.62
N ALA A 374 24.95 15.90 -4.88
CA ALA A 374 26.05 15.01 -5.34
C ALA A 374 27.32 15.38 -4.56
N GLY A 375 28.05 14.37 -4.08
CA GLY A 375 29.40 14.53 -3.50
C GLY A 375 29.35 14.86 -2.02
N LYS A 376 28.12 14.98 -1.48
CA LYS A 376 27.88 15.46 -0.10
C LYS A 376 27.50 14.28 0.78
N PRO A 377 27.97 14.19 2.04
CA PRO A 377 27.49 13.20 3.00
C PRO A 377 25.97 13.30 3.25
N ARG A 378 25.33 12.12 3.21
CA ARG A 378 23.86 11.96 3.39
C ARG A 378 23.56 10.73 4.23
N ARG A 379 22.43 10.75 4.90
CA ARG A 379 22.01 9.64 5.80
C ARG A 379 20.60 9.20 5.38
N HIS A 380 20.39 7.89 5.18
CA HIS A 380 19.06 7.38 4.76
C HIS A 380 18.47 6.56 5.90
N VAL A 381 17.54 7.11 6.67
CA VAL A 381 17.07 6.47 7.93
C VAL A 381 15.70 5.80 7.68
N LEU A 382 15.56 4.60 8.23
CA LEU A 382 14.32 3.80 8.22
C LEU A 382 13.33 4.43 9.23
N THR A 383 12.15 4.82 8.76
CA THR A 383 11.08 5.31 9.64
C THR A 383 9.80 4.56 9.26
N PHE A 384 8.71 5.28 9.19
CA PHE A 384 7.34 4.71 9.17
C PHE A 384 6.37 5.82 8.77
N ALA A 385 5.26 5.39 8.24
CA ALA A 385 4.05 6.19 7.91
C ALA A 385 3.14 6.26 9.13
N ASP A 386 2.83 7.52 9.54
CA ASP A 386 2.09 7.86 10.78
C ASP A 386 0.59 7.84 10.48
N THR A 387 0.14 7.95 9.23
CA THR A 387 -1.30 8.12 8.89
C THR A 387 -1.84 6.94 8.09
N TRP A 388 -2.98 6.42 8.53
CA TRP A 388 -3.65 5.19 8.01
C TRP A 388 -5.16 5.44 8.09
N ALA A 389 -5.93 4.95 7.09
CA ALA A 389 -7.38 5.21 6.96
C ALA A 389 -8.05 4.37 8.04
N PRO A 390 -9.26 4.71 8.57
CA PRO A 390 -9.82 3.96 9.67
C PRO A 390 -9.94 2.47 9.26
N GLY A 391 -9.49 1.58 10.15
CA GLY A 391 -9.46 0.11 9.96
C GLY A 391 -8.38 -0.36 8.98
N GLU A 392 -7.60 0.56 8.39
CA GLU A 392 -6.58 0.17 7.40
C GLU A 392 -5.42 -0.43 8.15
N PRO A 393 -5.05 -1.70 7.83
CA PRO A 393 -3.91 -2.37 8.44
C PRO A 393 -2.65 -1.54 8.30
N ARG A 394 -1.85 -1.45 9.36
CA ARG A 394 -0.59 -0.63 9.41
C ARG A 394 0.66 -1.49 9.19
N ALA A 395 1.57 -0.97 8.39
CA ALA A 395 2.85 -1.60 7.98
C ALA A 395 3.95 -0.77 8.64
N ILE A 396 4.53 -1.23 9.74
CA ILE A 396 5.50 -0.47 10.57
C ILE A 396 6.78 -1.29 10.75
N PRO A 397 7.88 -1.00 10.02
CA PRO A 397 9.03 -1.93 10.00
C PRO A 397 9.74 -2.10 11.35
N LEU A 398 9.80 -1.05 12.22
CA LEU A 398 10.54 -1.17 13.51
C LEU A 398 9.64 -1.04 14.72
N PRO A 399 10.08 -1.54 15.90
CA PRO A 399 11.29 -2.36 16.01
C PRO A 399 11.05 -3.77 15.44
N ALA A 400 12.12 -4.51 15.18
CA ALA A 400 12.07 -5.86 14.56
C ALA A 400 12.93 -6.83 15.38
N THR A 401 12.34 -7.95 15.81
CA THR A 401 13.09 -8.95 16.62
C THR A 401 13.54 -10.12 15.75
N CYS A 402 14.85 -10.42 15.77
CA CYS A 402 15.44 -11.56 15.01
C CYS A 402 15.87 -12.64 16.01
N ARG A 403 15.27 -13.83 15.96
CA ARG A 403 15.66 -15.00 16.81
C ARG A 403 16.85 -15.69 16.16
N PRO A 404 17.69 -16.42 16.96
CA PRO A 404 18.90 -17.05 16.42
C PRO A 404 18.54 -17.91 15.20
N GLY A 405 19.17 -17.64 14.07
CA GLY A 405 19.05 -18.48 12.86
C GLY A 405 17.95 -18.02 11.95
N GLU A 406 17.31 -16.90 12.26
CA GLU A 406 16.18 -16.29 11.50
C GLU A 406 16.83 -15.20 10.67
N TRP A 407 16.20 -14.79 9.57
CA TRP A 407 16.60 -13.67 8.69
C TRP A 407 15.57 -12.53 8.80
N ARG A 408 16.04 -11.28 8.70
CA ARG A 408 15.22 -10.05 8.72
C ARG A 408 15.73 -9.11 7.61
N ALA A 409 14.82 -8.57 6.79
CA ALA A 409 15.18 -7.69 5.65
C ALA A 409 14.65 -6.28 5.93
N PHE A 410 15.42 -5.28 5.53
CA PHE A 410 15.00 -3.86 5.62
C PHE A 410 15.34 -3.25 4.26
N ARG A 411 14.41 -2.58 3.60
CA ARG A 411 14.72 -1.88 2.33
C ARG A 411 14.72 -0.37 2.60
N LEU A 412 15.77 0.30 2.17
CA LEU A 412 15.98 1.75 2.36
C LEU A 412 16.26 2.28 0.96
N HIS A 413 15.53 3.31 0.51
CA HIS A 413 15.76 3.98 -0.80
C HIS A 413 16.84 5.04 -0.59
N THR A 414 18.00 4.84 -1.20
CA THR A 414 19.21 5.69 -1.02
C THR A 414 19.53 6.41 -2.32
N GLY A 415 18.55 6.49 -3.21
CA GLY A 415 18.58 7.34 -4.44
C GLY A 415 19.65 6.95 -5.44
N PRO A 416 20.37 7.94 -6.03
CA PRO A 416 21.44 7.66 -6.98
C PRO A 416 22.53 6.77 -6.38
N LYS A 417 23.11 5.89 -7.20
CA LYS A 417 24.26 5.04 -6.79
C LYS A 417 25.27 5.97 -6.16
N PRO A 418 25.88 5.61 -5.02
CA PRO A 418 26.97 6.39 -4.42
C PRO A 418 28.19 6.66 -5.30
N GLU A 419 28.78 7.84 -5.15
CA GLU A 419 30.13 8.12 -5.71
C GLU A 419 31.11 7.27 -4.91
N PRO A 420 32.39 7.13 -5.34
CA PRO A 420 33.40 6.50 -4.49
C PRO A 420 33.40 7.14 -3.09
N GLY A 421 33.56 6.33 -2.05
CA GLY A 421 33.66 6.82 -0.66
C GLY A 421 33.47 5.69 0.35
N GLU A 422 32.71 5.94 1.41
CA GLU A 422 32.34 4.92 2.41
C GLU A 422 30.82 4.79 2.36
N VAL A 423 30.30 3.55 2.37
CA VAL A 423 28.86 3.24 2.55
C VAL A 423 28.75 2.31 3.74
N ILE A 424 28.10 2.76 4.81
CA ILE A 424 27.87 2.01 6.07
C ILE A 424 26.38 1.61 6.12
N ALA A 425 26.09 0.34 6.35
CA ALA A 425 24.75 -0.07 6.83
C ALA A 425 24.83 0.04 8.35
N ALA A 426 24.04 0.92 9.00
CA ALA A 426 24.16 1.12 10.45
C ALA A 426 22.89 0.59 11.10
N LEU A 427 23.00 -0.25 12.14
CA LEU A 427 21.87 -0.94 12.79
C LEU A 427 21.99 -0.73 14.30
N GLY A 428 20.89 -0.21 14.87
CA GLY A 428 20.73 0.05 16.30
C GLY A 428 20.04 -1.10 16.96
N ILE A 429 20.58 -1.55 18.08
CA ILE A 429 20.13 -2.76 18.80
C ILE A 429 19.72 -2.29 20.20
N GLU A 430 18.43 -2.50 20.52
CA GLU A 430 17.77 -2.17 21.81
C GLU A 430 18.04 -3.28 22.84
N GLY A 431 17.84 -2.94 24.11
CA GLY A 431 17.71 -3.90 25.22
C GLY A 431 18.97 -4.02 26.05
N GLY A 432 19.87 -3.04 25.95
CA GLY A 432 21.13 -2.99 26.71
C GLY A 432 22.04 -4.18 26.41
N VAL A 433 22.06 -4.67 25.18
CA VAL A 433 22.99 -5.74 24.68
C VAL A 433 24.19 -5.08 23.95
N ALA A 434 25.40 -5.64 24.09
CA ALA A 434 26.51 -5.39 23.14
C ALA A 434 26.74 -6.69 22.38
N ILE A 435 26.67 -6.61 21.06
CA ILE A 435 26.96 -7.78 20.20
C ILE A 435 28.47 -7.92 19.97
N GLY A 436 28.87 -9.08 19.46
CA GLY A 436 30.19 -9.27 18.82
C GLY A 436 30.15 -8.95 17.32
N PRO A 437 31.35 -9.00 16.66
CA PRO A 437 31.46 -8.87 15.20
C PRO A 437 30.78 -9.99 14.38
N GLU A 438 30.55 -11.16 14.95
CA GLU A 438 29.81 -12.26 14.25
C GLU A 438 28.43 -12.50 14.88
N THR A 439 27.92 -11.61 15.74
CA THR A 439 26.57 -11.79 16.31
C THR A 439 25.58 -11.60 15.18
N LEU A 440 25.88 -10.66 14.28
CA LEU A 440 25.06 -10.39 13.07
C LEU A 440 25.90 -10.75 11.85
N GLU A 441 25.30 -11.53 10.96
CA GLU A 441 25.75 -11.59 9.56
C GLU A 441 24.92 -10.58 8.78
N VAL A 442 25.55 -9.60 8.15
CA VAL A 442 24.83 -8.54 7.43
C VAL A 442 25.17 -8.64 5.95
N ARG A 443 24.13 -8.56 5.12
CA ARG A 443 24.28 -8.53 3.65
C ARG A 443 23.51 -7.36 3.08
N VAL A 444 24.07 -6.81 2.03
CA VAL A 444 23.41 -5.80 1.17
C VAL A 444 23.35 -6.29 -0.28
N ASN A 445 22.13 -6.36 -0.80
CA ASN A 445 21.81 -6.97 -2.13
C ASN A 445 22.59 -8.27 -2.22
N GLY A 446 22.61 -9.03 -1.12
CA GLY A 446 23.21 -10.36 -1.02
C GLY A 446 24.70 -10.35 -0.74
N GLU A 447 25.39 -9.20 -0.81
CA GLU A 447 26.87 -9.17 -0.61
C GLU A 447 27.20 -9.03 0.89
N LEU A 448 28.14 -9.84 1.35
CA LEU A 448 28.59 -9.89 2.77
C LEU A 448 29.23 -8.56 3.14
N CYS A 449 28.71 -7.93 4.18
CA CYS A 449 29.27 -6.67 4.74
C CYS A 449 30.23 -6.94 5.90
N ALA A 450 31.36 -6.26 5.89
CA ALA A 450 32.42 -6.33 6.92
C ALA A 450 31.95 -5.57 8.16
N PHE A 451 32.29 -6.05 9.35
CA PHE A 451 32.01 -5.33 10.62
C PHE A 451 32.92 -4.10 10.73
N LEU A 452 32.34 -2.93 11.02
CA LEU A 452 33.11 -1.67 11.23
C LEU A 452 33.33 -1.38 12.71
N GLY A 453 32.37 -1.66 13.57
CA GLY A 453 32.37 -1.28 14.99
C GLY A 453 31.14 -0.45 15.33
N LEU A 454 31.09 0.07 16.56
CA LEU A 454 30.17 1.15 17.02
C LEU A 454 30.39 2.41 16.16
N VAL A 455 29.32 2.95 15.60
CA VAL A 455 29.27 4.20 14.79
C VAL A 455 28.93 5.34 15.76
N ASP A 456 29.64 6.45 15.62
CA ASP A 456 29.46 7.74 16.31
C ASP A 456 28.43 8.54 15.48
N LEU A 457 27.14 8.41 15.77
CA LEU A 457 26.15 9.18 15.00
C LEU A 457 26.03 10.59 15.60
N SER A 458 25.98 11.61 14.76
CA SER A 458 25.43 12.94 15.11
C SER A 458 23.89 12.85 15.12
N LYS A 459 23.22 13.75 15.84
CA LYS A 459 21.75 13.74 15.93
C LYS A 459 21.18 13.92 14.52
N PRO A 460 20.01 13.34 14.16
CA PRO A 460 19.24 12.46 15.04
C PRO A 460 19.90 11.08 15.22
N ARG A 461 19.85 10.60 16.45
CA ARG A 461 20.41 9.28 16.79
C ARG A 461 19.58 8.70 17.93
N PRO A 462 19.55 7.35 17.94
CA PRO A 462 18.96 6.59 19.04
C PRO A 462 19.82 6.65 20.32
N ASP A 463 19.23 6.22 21.44
CA ASP A 463 19.85 6.10 22.79
C ASP A 463 20.15 4.62 23.06
N PHE A 464 20.59 3.90 22.04
CA PHE A 464 21.07 2.50 22.16
C PHE A 464 22.28 2.39 21.23
N PRO A 465 23.13 1.35 21.34
CA PRO A 465 24.32 1.30 20.49
C PRO A 465 23.93 1.13 19.01
N VAL A 466 24.64 1.81 18.10
CA VAL A 466 24.49 1.60 16.63
C VAL A 466 25.79 0.99 16.09
N TYR A 467 25.68 -0.20 15.46
CA TYR A 467 26.82 -0.96 14.88
C TYR A 467 26.86 -0.81 13.35
N GLY A 468 28.05 -0.45 12.87
CA GLY A 468 28.36 -0.21 11.46
C GLY A 468 28.82 -1.48 10.76
N PHE A 469 28.35 -1.65 9.53
CA PHE A 469 28.75 -2.71 8.56
C PHE A 469 29.18 -2.01 7.27
N SER A 470 30.41 -2.25 6.84
CA SER A 470 31.02 -1.67 5.61
C SER A 470 30.45 -2.43 4.39
N VAL A 471 29.84 -1.69 3.46
CA VAL A 471 29.12 -2.26 2.30
C VAL A 471 30.02 -2.13 1.10
N PRO A 472 30.32 -3.22 0.36
CA PRO A 472 31.12 -3.12 -0.85
C PRO A 472 30.46 -2.12 -1.79
N LEU A 473 31.24 -1.20 -2.34
CA LEU A 473 30.69 -0.10 -3.18
C LEU A 473 29.81 -0.72 -4.28
N ALA A 474 30.37 -1.63 -5.07
CA ALA A 474 29.75 -2.14 -6.31
C ALA A 474 28.35 -2.69 -5.99
N ALA A 475 28.11 -3.12 -4.74
CA ALA A 475 26.83 -3.73 -4.31
C ALA A 475 25.74 -2.69 -4.35
N MET A 476 26.07 -1.43 -4.03
CA MET A 476 25.05 -0.37 -3.89
C MET A 476 24.40 -0.11 -5.26
N ARG A 477 23.07 -0.09 -5.23
CA ARG A 477 22.18 0.04 -6.39
C ARG A 477 21.40 1.37 -6.32
N ARG A 478 21.09 1.87 -7.51
CA ARG A 478 20.19 3.01 -7.70
C ARG A 478 18.83 2.61 -7.12
N GLY A 479 18.30 3.46 -6.25
CA GLY A 479 17.01 3.24 -5.58
C GLY A 479 17.12 2.44 -4.30
N TYR A 480 16.26 1.42 -4.18
CA TYR A 480 16.18 0.53 -2.99
C TYR A 480 17.46 -0.28 -2.89
N ASN A 481 17.91 -0.51 -1.67
CA ASN A 481 19.06 -1.34 -1.34
C ASN A 481 18.63 -2.13 -0.12
N LEU A 482 18.87 -3.43 -0.17
CA LEU A 482 18.26 -4.39 0.75
C LEU A 482 19.29 -4.91 1.77
N ILE A 483 19.11 -4.50 3.01
CA ILE A 483 19.88 -5.05 4.16
C ILE A 483 19.22 -6.37 4.48
N GLU A 484 19.98 -7.48 4.47
CA GLU A 484 19.48 -8.74 5.03
C GLU A 484 20.40 -9.11 6.20
N VAL A 485 19.82 -9.54 7.31
CA VAL A 485 20.58 -9.75 8.56
C VAL A 485 20.09 -11.09 9.17
N THR A 486 20.99 -11.87 9.74
CA THR A 486 20.61 -13.04 10.57
C THR A 486 21.37 -12.91 11.90
N ALA A 487 20.73 -13.24 13.01
CA ALA A 487 21.34 -13.10 14.35
C ALA A 487 21.69 -14.49 14.86
N ARG A 488 22.84 -14.59 15.54
CA ARG A 488 23.30 -15.81 16.24
C ARG A 488 22.82 -15.73 17.71
N GLN A 489 22.14 -14.65 18.10
CA GLN A 489 21.57 -14.41 19.46
C GLN A 489 20.32 -13.55 19.26
N GLU A 490 19.30 -13.71 20.12
CA GLU A 490 18.00 -13.00 19.93
C GLU A 490 18.27 -11.51 20.08
N LEU A 491 17.88 -10.70 19.11
CA LEU A 491 18.11 -9.24 19.17
C LEU A 491 16.86 -8.49 18.72
N ARG A 492 16.69 -7.26 19.21
CA ARG A 492 15.65 -6.33 18.75
C ARG A 492 16.35 -5.13 18.09
N PHE A 493 16.03 -4.91 16.81
CA PHE A 493 16.44 -3.71 16.05
C PHE A 493 15.50 -2.53 16.37
N GLY A 494 16.05 -1.33 16.61
CA GLY A 494 15.27 -0.10 16.82
C GLY A 494 15.72 1.02 15.90
N TRP A 495 16.66 0.75 15.01
CA TRP A 495 17.20 1.77 14.08
C TRP A 495 17.93 1.05 12.94
N ALA A 496 17.80 1.58 11.72
CA ALA A 496 18.51 1.14 10.51
C ALA A 496 18.80 2.35 9.62
N GLU A 497 19.99 2.45 9.06
CA GLU A 497 20.23 3.53 8.10
C GLU A 497 21.41 3.16 7.24
N PHE A 498 21.46 3.75 6.06
CA PHE A 498 22.64 3.89 5.19
C PHE A 498 23.27 5.28 5.40
N LEU A 499 24.58 5.34 5.73
CA LEU A 499 25.44 6.57 5.71
C LEU A 499 26.34 6.49 4.49
N ILE A 500 26.32 7.56 3.69
CA ILE A 500 26.99 7.61 2.37
C ILE A 500 27.98 8.78 2.51
N ARG A 501 29.26 8.50 2.45
CA ARG A 501 30.30 9.55 2.61
C ARG A 501 31.17 9.52 1.36
N PRO A 502 30.80 10.31 0.33
CA PRO A 502 31.54 10.35 -0.93
C PRO A 502 32.87 11.12 -0.81
N ILE B 6 -22.05 -10.37 -16.46
CA ILE B 6 -21.33 -10.13 -17.75
C ILE B 6 -19.84 -9.81 -17.50
N PRO B 7 -19.28 -9.67 -16.25
CA PRO B 7 -17.84 -9.86 -16.09
C PRO B 7 -17.41 -11.33 -16.24
N GLY B 8 -18.11 -12.24 -15.55
CA GLY B 8 -17.82 -13.69 -15.68
C GLY B 8 -16.60 -14.18 -14.92
N ILE B 9 -16.22 -15.43 -15.18
CA ILE B 9 -15.29 -16.25 -14.37
C ILE B 9 -14.21 -16.77 -15.32
N SER B 10 -12.96 -16.62 -14.86
CA SER B 10 -11.75 -17.29 -15.35
C SER B 10 -11.38 -18.35 -14.33
N LEU B 11 -11.23 -19.63 -14.73
CA LEU B 11 -11.01 -20.77 -13.80
C LEU B 11 -9.75 -21.51 -14.27
N ASN B 12 -8.82 -21.73 -13.32
CA ASN B 12 -7.48 -22.32 -13.47
C ASN B 12 -7.54 -23.78 -13.04
N GLU B 13 -7.19 -24.65 -14.00
CA GLU B 13 -6.87 -26.09 -13.78
C GLU B 13 -5.33 -26.23 -13.68
N ASP B 14 -4.84 -26.67 -12.52
CA ASP B 14 -3.40 -26.84 -12.23
C ASP B 14 -2.82 -28.02 -13.06
N ASN B 15 -1.49 -28.13 -13.04
CA ASN B 15 -0.67 -29.03 -13.89
C ASN B 15 -0.76 -30.50 -13.46
N SER B 16 -1.33 -30.82 -12.27
CA SER B 16 -1.19 -32.14 -11.61
C SER B 16 -2.55 -32.78 -11.31
N HIS B 17 -3.54 -31.93 -10.99
CA HIS B 17 -4.82 -32.34 -10.38
C HIS B 17 -5.47 -33.45 -11.20
N TYR B 18 -5.60 -33.24 -12.51
CA TYR B 18 -6.41 -34.14 -13.35
C TYR B 18 -5.78 -35.54 -13.35
N PHE B 19 -4.46 -35.60 -13.33
CA PHE B 19 -3.67 -36.85 -13.47
C PHE B 19 -3.73 -37.61 -12.12
N TYR B 20 -3.60 -36.91 -10.99
CA TYR B 20 -3.75 -37.50 -9.62
C TYR B 20 -5.15 -38.12 -9.41
N THR B 21 -6.20 -37.37 -9.75
CA THR B 21 -7.61 -37.68 -9.34
C THR B 21 -8.18 -38.75 -10.28
N ARG B 22 -7.75 -38.84 -11.54
CA ARG B 22 -8.22 -39.87 -12.49
C ARG B 22 -7.23 -41.04 -12.55
N ALA B 23 -6.16 -41.07 -11.74
CA ALA B 23 -5.13 -42.14 -11.77
C ALA B 23 -5.82 -43.51 -11.67
N GLY B 24 -5.36 -44.52 -12.41
CA GLY B 24 -5.84 -45.92 -12.30
C GLY B 24 -7.00 -46.19 -13.24
N ARG B 25 -7.67 -45.15 -13.70
CA ARG B 25 -8.61 -45.25 -14.85
C ARG B 25 -7.71 -45.36 -16.09
N ARG B 26 -8.27 -45.80 -17.19
CA ARG B 26 -7.58 -45.82 -18.51
C ARG B 26 -8.47 -44.97 -19.41
N LEU B 27 -8.24 -43.65 -19.45
CA LEU B 27 -9.16 -42.60 -19.96
C LEU B 27 -9.28 -42.66 -21.48
N SER B 28 -10.51 -42.82 -21.95
CA SER B 28 -10.94 -42.59 -23.34
C SER B 28 -10.86 -41.10 -23.65
N ALA B 29 -10.68 -40.78 -24.93
CA ALA B 29 -10.83 -39.40 -25.46
C ALA B 29 -12.16 -38.82 -24.96
N GLU B 30 -13.19 -39.66 -24.86
CA GLU B 30 -14.53 -39.18 -24.47
CA GLU B 30 -14.54 -39.21 -24.44
C GLU B 30 -14.47 -38.75 -22.99
N GLU B 31 -13.81 -39.51 -22.11
CA GLU B 31 -13.70 -39.12 -20.67
C GLU B 31 -12.93 -37.81 -20.52
N VAL B 32 -11.76 -37.73 -21.16
CA VAL B 32 -10.90 -36.54 -21.18
C VAL B 32 -11.74 -35.33 -21.59
N ASP B 33 -12.49 -35.43 -22.69
CA ASP B 33 -13.38 -34.33 -23.17
C ASP B 33 -14.45 -34.00 -22.12
N SER B 34 -15.03 -34.99 -21.44
CA SER B 34 -16.12 -34.80 -20.45
C SER B 34 -15.70 -33.75 -19.38
N TRP B 35 -14.42 -33.65 -19.02
CA TRP B 35 -13.90 -32.70 -17.98
C TRP B 35 -14.23 -31.25 -18.33
N VAL B 36 -14.19 -30.85 -19.61
CA VAL B 36 -14.56 -29.47 -20.00
C VAL B 36 -16.07 -29.24 -19.79
N ASP B 37 -16.87 -30.29 -19.88
CA ASP B 37 -18.35 -30.17 -19.99
C ASP B 37 -18.95 -29.60 -18.71
N GLN B 38 -18.37 -29.90 -17.56
CA GLN B 38 -18.94 -29.47 -16.25
C GLN B 38 -18.99 -27.92 -16.20
N TYR B 39 -18.09 -27.22 -16.91
CA TYR B 39 -17.95 -25.74 -16.94
C TYR B 39 -18.80 -25.13 -18.04
N ALA B 40 -19.29 -25.95 -18.99
CA ALA B 40 -20.21 -25.56 -20.07
C ALA B 40 -21.51 -24.96 -19.50
N GLY B 41 -21.88 -23.82 -20.05
CA GLY B 41 -23.13 -23.11 -19.73
C GLY B 41 -23.12 -22.49 -18.34
N THR B 42 -21.95 -22.15 -17.81
CA THR B 42 -21.78 -21.44 -16.52
C THR B 42 -21.34 -20.01 -16.82
N GLN B 43 -20.85 -19.30 -15.78
CA GLN B 43 -20.37 -17.91 -15.96
C GLN B 43 -18.86 -17.97 -16.27
N VAL B 44 -18.30 -19.17 -16.36
CA VAL B 44 -16.92 -19.43 -16.88
C VAL B 44 -16.85 -19.01 -18.36
N LYS B 45 -16.07 -17.96 -18.64
CA LYS B 45 -15.72 -17.50 -19.99
C LYS B 45 -14.43 -18.18 -20.45
N GLU B 46 -13.46 -18.39 -19.53
CA GLU B 46 -12.09 -18.86 -19.85
C GLU B 46 -11.65 -19.97 -18.89
N LEU B 47 -11.14 -21.05 -19.46
CA LEU B 47 -10.43 -22.10 -18.72
C LEU B 47 -8.94 -21.85 -18.97
N MET B 48 -8.20 -21.66 -17.88
CA MET B 48 -6.74 -21.40 -17.83
C MET B 48 -6.10 -22.76 -17.52
N LEU B 49 -5.68 -23.46 -18.57
CA LEU B 49 -5.13 -24.84 -18.51
C LEU B 49 -3.61 -24.77 -18.30
N CYS B 50 -3.15 -25.14 -17.10
CA CYS B 50 -1.75 -25.11 -16.68
C CYS B 50 -1.10 -26.41 -17.09
N PRO B 51 -0.10 -26.38 -18.00
CA PRO B 51 0.55 -27.60 -18.45
C PRO B 51 1.87 -27.96 -17.75
N ASN B 52 2.32 -27.18 -16.77
CA ASN B 52 3.72 -27.28 -16.33
C ASN B 52 3.87 -26.83 -14.88
N CYS B 53 4.91 -27.44 -14.26
CA CYS B 53 5.68 -26.98 -13.09
C CYS B 53 7.15 -26.91 -13.60
N MET B 54 8.17 -27.42 -12.90
CA MET B 54 9.51 -27.42 -13.57
C MET B 54 9.51 -28.37 -14.79
N ARG B 55 8.56 -29.31 -14.83
CA ARG B 55 8.33 -30.32 -15.89
C ARG B 55 6.93 -30.18 -16.53
N THR B 56 6.77 -30.63 -17.78
CA THR B 56 5.44 -30.59 -18.45
C THR B 56 4.60 -31.84 -18.09
N SER B 57 3.28 -31.71 -18.17
CA SER B 57 2.38 -32.88 -18.02
C SER B 57 2.10 -33.48 -19.40
N TYR B 58 2.34 -32.73 -20.47
CA TYR B 58 2.30 -33.22 -21.86
C TYR B 58 3.68 -33.71 -22.29
N ALA B 59 3.76 -34.31 -23.48
CA ALA B 59 4.98 -34.94 -24.03
C ALA B 59 5.85 -33.88 -24.72
N SER B 60 6.45 -32.97 -23.93
CA SER B 60 7.25 -31.84 -24.46
C SER B 60 8.49 -32.36 -25.23
N GLN B 61 8.95 -31.61 -26.24
CA GLN B 61 10.23 -31.87 -26.97
C GLN B 61 11.33 -30.89 -26.52
N VAL B 62 11.03 -29.82 -25.79
CA VAL B 62 12.05 -28.80 -25.38
C VAL B 62 12.33 -28.93 -23.87
N TRP B 63 11.36 -29.39 -23.08
CA TRP B 63 11.44 -29.48 -21.60
C TRP B 63 11.31 -30.91 -21.13
N ASP B 64 11.48 -31.17 -19.86
CA ASP B 64 11.30 -32.52 -19.27
C ASP B 64 9.80 -32.75 -19.07
N PRO B 65 9.19 -33.82 -19.65
CA PRO B 65 7.87 -34.24 -19.23
C PRO B 65 8.03 -34.78 -17.81
N ILE B 66 6.91 -34.84 -17.06
CA ILE B 66 6.85 -35.28 -15.64
C ILE B 66 7.42 -36.70 -15.53
N TRP B 67 7.32 -37.46 -16.61
CA TRP B 67 7.73 -38.88 -16.64
C TRP B 67 9.16 -39.02 -17.13
N ARG B 68 9.96 -37.95 -17.29
CA ARG B 68 11.40 -38.16 -17.65
C ARG B 68 12.07 -39.01 -16.55
N GLY B 69 12.67 -40.16 -16.89
CA GLY B 69 13.29 -41.10 -15.92
C GLY B 69 12.34 -42.21 -15.47
N TYR B 70 11.10 -42.17 -15.92
CA TYR B 70 10.03 -43.07 -15.43
C TYR B 70 10.17 -44.45 -16.05
N ASP B 71 10.14 -45.52 -15.22
CA ASP B 71 9.97 -46.95 -15.63
C ASP B 71 8.52 -47.39 -15.45
N PRO B 72 7.66 -47.32 -16.50
CA PRO B 72 6.24 -47.65 -16.34
C PRO B 72 6.02 -49.04 -15.73
N ALA B 73 6.85 -50.03 -16.06
CA ALA B 73 6.71 -51.46 -15.62
C ALA B 73 7.41 -51.72 -14.27
N GLY B 74 8.10 -50.71 -13.74
CA GLY B 74 8.95 -50.88 -12.56
C GLY B 74 8.18 -50.73 -11.25
N PRO B 75 8.87 -50.94 -10.12
CA PRO B 75 8.30 -50.82 -8.79
C PRO B 75 8.28 -49.34 -8.37
N ASP B 76 7.56 -49.02 -7.29
CA ASP B 76 7.39 -47.62 -6.80
C ASP B 76 8.75 -47.04 -6.41
N ASP B 77 9.61 -47.83 -5.79
CA ASP B 77 10.96 -47.38 -5.35
C ASP B 77 11.89 -47.70 -6.51
N GLN B 78 11.72 -46.94 -7.59
CA GLN B 78 12.65 -46.84 -8.72
C GLN B 78 13.35 -45.51 -8.53
N PRO B 79 14.54 -45.28 -9.14
CA PRO B 79 15.24 -43.99 -9.05
C PRO B 79 14.37 -42.72 -9.08
N LEU B 80 13.47 -42.53 -10.05
CA LEU B 80 12.67 -41.26 -10.17
C LEU B 80 11.93 -40.93 -8.86
N LEU B 81 11.47 -41.95 -8.12
CA LEU B 81 10.59 -41.85 -6.93
C LEU B 81 11.38 -42.20 -5.65
N ALA B 82 12.66 -42.56 -5.71
CA ALA B 82 13.42 -43.08 -4.55
C ALA B 82 13.38 -42.06 -3.40
N SER B 83 13.38 -40.76 -3.70
CA SER B 83 13.51 -39.67 -2.71
C SER B 83 12.24 -39.43 -1.87
N LEU B 84 11.05 -39.82 -2.34
CA LEU B 84 9.83 -39.68 -1.50
C LEU B 84 9.68 -40.86 -0.56
N PRO B 85 9.01 -40.67 0.60
CA PRO B 85 8.61 -41.79 1.45
C PRO B 85 7.62 -42.67 0.68
N PRO B 86 7.52 -43.98 1.01
CA PRO B 86 6.64 -44.91 0.28
C PRO B 86 5.19 -44.49 -0.02
N GLU B 87 4.57 -43.70 0.86
CA GLU B 87 3.13 -43.26 0.75
C GLU B 87 2.95 -42.21 -0.35
N GLU B 88 3.94 -41.35 -0.52
CA GLU B 88 3.87 -40.25 -1.51
C GLU B 88 4.33 -40.79 -2.86
N ARG B 89 5.13 -41.85 -2.87
CA ARG B 89 5.50 -42.54 -4.13
C ARG B 89 4.21 -42.85 -4.89
N VAL B 90 3.21 -43.37 -4.17
CA VAL B 90 1.89 -43.79 -4.74
C VAL B 90 1.17 -42.59 -5.35
N ALA B 91 1.09 -41.48 -4.62
CA ALA B 91 0.44 -40.24 -5.07
C ALA B 91 1.16 -39.74 -6.32
N ALA B 92 2.48 -39.54 -6.26
CA ALA B 92 3.29 -38.94 -7.34
C ALA B 92 3.24 -39.84 -8.59
N ARG B 93 3.32 -41.15 -8.40
CA ARG B 93 3.28 -42.10 -9.53
C ARG B 93 1.89 -42.01 -10.22
N GLY B 94 0.77 -41.85 -9.50
CA GLY B 94 -0.53 -41.54 -10.14
C GLY B 94 -0.40 -40.45 -11.20
N TRP B 95 0.16 -39.29 -10.82
CA TRP B 95 0.24 -38.12 -11.74
C TRP B 95 1.10 -38.52 -12.94
N ILE B 96 2.35 -38.93 -12.66
CA ILE B 96 3.38 -39.37 -13.65
C ILE B 96 2.78 -40.41 -14.59
N HIS B 97 2.12 -41.46 -14.05
CA HIS B 97 1.71 -42.63 -14.86
C HIS B 97 0.48 -42.25 -15.70
N THR B 98 -0.44 -41.45 -15.15
CA THR B 98 -1.65 -41.08 -15.90
C THR B 98 -1.25 -40.19 -17.08
N ALA B 99 -0.33 -39.26 -16.86
CA ALA B 99 0.12 -38.30 -17.89
C ALA B 99 0.92 -39.06 -18.96
N TRP B 100 1.76 -39.99 -18.54
CA TRP B 100 2.50 -40.82 -19.53
C TRP B 100 1.53 -41.71 -20.33
N GLN B 101 0.62 -42.41 -19.66
CA GLN B 101 -0.32 -43.38 -20.31
C GLN B 101 -1.19 -42.64 -21.32
N LEU B 102 -1.59 -41.40 -21.04
CA LEU B 102 -2.34 -40.56 -22.00
C LEU B 102 -1.49 -40.40 -23.27
N HIS B 103 -0.21 -40.07 -23.09
CA HIS B 103 0.73 -39.81 -24.21
C HIS B 103 0.86 -41.06 -25.08
N GLN B 104 1.06 -42.23 -24.45
CA GLN B 104 1.19 -43.54 -25.16
C GLN B 104 -0.11 -43.84 -25.95
N ASP B 105 -1.26 -43.42 -25.43
CA ASP B 105 -2.56 -43.63 -26.09
C ASP B 105 -2.76 -42.64 -27.26
N GLY B 106 -1.77 -41.81 -27.61
CA GLY B 106 -1.94 -40.79 -28.67
C GLY B 106 -2.94 -39.69 -28.29
N ILE B 107 -3.14 -39.46 -26.99
CA ILE B 107 -4.05 -38.39 -26.46
C ILE B 107 -3.23 -37.23 -25.91
N ASP B 108 -3.25 -36.11 -26.61
CA ASP B 108 -2.68 -34.83 -26.12
C ASP B 108 -3.78 -34.16 -25.28
N ILE B 109 -3.74 -34.27 -23.95
CA ILE B 109 -4.85 -33.79 -23.06
C ILE B 109 -5.13 -32.30 -23.32
N TYR B 110 -4.09 -31.47 -23.52
CA TYR B 110 -4.25 -30.01 -23.73
C TYR B 110 -4.92 -29.74 -25.09
N ALA B 111 -4.57 -30.44 -26.19
CA ALA B 111 -5.23 -30.24 -27.53
C ALA B 111 -6.69 -30.68 -27.47
N ARG B 112 -6.94 -31.79 -26.80
CA ARG B 112 -8.32 -32.26 -26.56
C ARG B 112 -9.12 -31.21 -25.77
N TRP B 113 -8.65 -30.78 -24.58
CA TRP B 113 -9.35 -29.73 -23.78
C TRP B 113 -9.59 -28.41 -24.54
N ILE B 114 -8.64 -27.94 -25.33
CA ILE B 114 -8.76 -26.70 -26.16
C ILE B 114 -9.90 -26.86 -27.18
N ARG B 115 -9.85 -27.96 -27.92
CA ARG B 115 -10.86 -28.31 -28.94
C ARG B 115 -12.23 -28.48 -28.27
N ARG B 116 -12.31 -29.10 -27.09
CA ARG B 116 -13.63 -29.26 -26.38
C ARG B 116 -14.15 -27.91 -25.87
N CYS B 117 -13.32 -27.14 -25.15
CA CYS B 117 -13.59 -25.72 -24.82
C CYS B 117 -14.25 -25.03 -26.04
N ARG B 118 -13.64 -25.06 -27.24
CA ARG B 118 -14.12 -24.27 -28.41
C ARG B 118 -15.54 -24.70 -28.82
N GLN B 119 -15.84 -26.00 -28.71
CA GLN B 119 -17.16 -26.57 -29.07
C GLN B 119 -18.21 -26.09 -28.06
N ARG B 120 -17.93 -26.15 -26.76
CA ARG B 120 -18.87 -25.73 -25.68
C ARG B 120 -18.86 -24.19 -25.45
N GLY B 121 -18.21 -23.38 -26.29
CA GLY B 121 -18.28 -21.89 -26.21
C GLY B 121 -17.45 -21.31 -25.08
N ILE B 122 -16.38 -22.01 -24.67
CA ILE B 122 -15.39 -21.53 -23.69
C ILE B 122 -14.10 -21.16 -24.42
N SER B 123 -13.55 -19.99 -24.08
CA SER B 123 -12.25 -19.49 -24.57
C SER B 123 -11.14 -20.25 -23.86
N PRO B 124 -10.39 -21.13 -24.57
CA PRO B 124 -9.33 -21.92 -23.96
C PRO B 124 -8.01 -21.16 -23.80
N TRP B 125 -7.48 -21.08 -22.58
CA TRP B 125 -6.17 -20.42 -22.35
C TRP B 125 -5.13 -21.45 -21.90
N ILE B 126 -3.86 -21.15 -22.18
CA ILE B 126 -2.70 -21.80 -21.47
C ILE B 126 -2.14 -20.75 -20.50
N SER B 127 -1.95 -21.23 -19.26
CA SER B 127 -1.35 -20.52 -18.11
C SER B 127 -0.09 -21.31 -17.70
N MET B 128 1.07 -20.70 -17.87
CA MET B 128 2.41 -21.31 -17.57
C MET B 128 2.92 -20.88 -16.18
N ARG B 129 3.25 -21.83 -15.36
CA ARG B 129 3.99 -21.48 -14.09
C ARG B 129 5.39 -21.00 -14.48
N MET B 130 5.81 -19.79 -14.06
CA MET B 130 7.08 -19.19 -14.57
C MET B 130 8.24 -19.63 -13.69
N ASN B 131 7.99 -20.14 -12.49
CA ASN B 131 9.08 -20.41 -11.53
C ASN B 131 8.57 -21.22 -10.35
N ASP B 132 7.93 -22.37 -10.62
CA ASP B 132 7.44 -23.31 -9.59
C ASP B 132 8.65 -23.90 -8.87
N VAL B 133 8.53 -23.99 -7.54
CA VAL B 133 9.56 -24.49 -6.61
C VAL B 133 8.95 -25.43 -5.55
N HIS B 134 7.88 -26.20 -5.87
CA HIS B 134 7.39 -27.25 -4.92
C HIS B 134 8.50 -28.25 -4.60
N TYR B 135 8.79 -28.45 -3.30
CA TYR B 135 9.67 -29.53 -2.76
C TYR B 135 11.11 -29.37 -3.22
N VAL B 136 11.55 -28.13 -3.42
CA VAL B 136 12.96 -27.86 -3.78
C VAL B 136 13.88 -28.14 -2.60
N ASN B 137 13.33 -28.41 -1.41
CA ASN B 137 14.11 -28.89 -0.24
C ASN B 137 14.64 -30.31 -0.52
N ASP B 138 13.94 -31.06 -1.42
CA ASP B 138 14.37 -32.39 -1.95
C ASP B 138 14.93 -32.17 -3.37
N GLU B 139 16.27 -32.17 -3.47
CA GLU B 139 16.94 -31.86 -4.75
C GLU B 139 16.85 -33.05 -5.72
N ARG B 140 16.60 -34.27 -5.24
CA ARG B 140 16.42 -35.46 -6.13
C ARG B 140 14.95 -35.69 -6.52
N CYS B 141 14.07 -34.73 -6.25
CA CYS B 141 12.61 -34.89 -6.37
C CYS B 141 12.20 -35.01 -7.85
N PHE B 142 11.21 -35.88 -8.13
CA PHE B 142 10.79 -36.21 -9.52
C PHE B 142 10.38 -34.97 -10.28
N LEU B 143 9.74 -33.98 -9.61
CA LEU B 143 9.04 -32.89 -10.32
C LEU B 143 9.96 -31.70 -10.61
N HIS B 144 11.25 -31.77 -10.25
CA HIS B 144 12.29 -30.79 -10.67
C HIS B 144 12.84 -31.13 -12.08
N SER B 145 13.05 -30.10 -12.95
CA SER B 145 13.84 -30.19 -14.22
C SER B 145 15.31 -30.55 -13.92
N GLU B 146 15.93 -31.32 -14.82
CA GLU B 146 17.38 -31.60 -14.81
C GLU B 146 18.13 -30.28 -15.02
N PHE B 147 17.56 -29.29 -15.73
CA PHE B 147 18.15 -27.94 -15.88
C PHE B 147 18.33 -27.34 -14.49
N TRP B 148 17.30 -27.39 -13.68
CA TRP B 148 17.30 -26.88 -12.28
C TRP B 148 18.30 -27.67 -11.45
N ARG B 149 18.22 -29.00 -11.58
CA ARG B 149 18.99 -29.94 -10.72
C ARG B 149 20.50 -29.73 -10.91
N GLU B 150 20.95 -29.39 -12.13
CA GLU B 150 22.38 -29.34 -12.53
C GLU B 150 22.95 -27.92 -12.44
N ASN B 151 22.14 -26.90 -12.19
CA ASN B 151 22.58 -25.48 -12.26
C ASN B 151 22.23 -24.74 -10.98
N PRO B 152 22.74 -25.17 -9.82
CA PRO B 152 22.48 -24.47 -8.57
C PRO B 152 22.93 -23.00 -8.65
N GLN B 153 23.92 -22.67 -9.50
CA GLN B 153 24.42 -21.29 -9.73
C GLN B 153 23.32 -20.39 -10.36
N LEU B 154 22.20 -20.94 -10.87
CA LEU B 154 21.10 -20.11 -11.45
C LEU B 154 20.01 -19.73 -10.45
N ARG B 155 20.14 -20.11 -9.17
CA ARG B 155 19.17 -19.87 -8.10
C ARG B 155 19.31 -18.42 -7.58
N ARG B 156 18.21 -17.86 -7.08
CA ARG B 156 18.13 -16.41 -6.75
C ARG B 156 18.82 -16.10 -5.43
N VAL B 157 18.92 -17.04 -4.49
CA VAL B 157 19.53 -16.83 -3.15
C VAL B 157 20.51 -17.97 -2.86
N PRO B 158 21.82 -17.80 -3.16
CA PRO B 158 22.79 -18.85 -2.88
C PRO B 158 23.23 -18.92 -1.42
N TYR B 159 23.05 -17.84 -0.64
CA TYR B 159 23.75 -17.67 0.65
C TYR B 159 22.87 -18.28 1.74
N ARG B 160 21.65 -18.72 1.38
CA ARG B 160 20.75 -19.26 2.44
C ARG B 160 19.61 -20.10 1.84
N PHE B 161 19.12 -21.06 2.63
CA PHE B 161 17.92 -21.82 2.27
C PHE B 161 16.96 -21.79 3.44
N ALA B 162 16.12 -20.75 3.53
CA ALA B 162 15.11 -20.61 4.60
C ALA B 162 13.71 -20.93 4.04
N GLU B 163 13.50 -20.79 2.71
CA GLU B 163 12.18 -20.81 2.01
C GLU B 163 12.37 -21.47 0.65
N TRP B 164 11.36 -22.16 0.12
CA TRP B 164 11.41 -22.71 -1.27
C TRP B 164 11.82 -21.66 -2.32
N THR B 165 11.40 -20.40 -2.20
CA THR B 165 11.67 -19.35 -3.21
C THR B 165 13.18 -18.98 -3.20
N ASP B 166 13.88 -19.32 -2.13
CA ASP B 166 15.37 -19.19 -2.09
C ASP B 166 15.97 -20.01 -3.25
N ARG B 167 15.38 -21.14 -3.68
CA ARG B 167 15.97 -22.01 -4.74
C ARG B 167 15.24 -21.84 -6.06
N ALA B 168 14.48 -20.75 -6.22
CA ALA B 168 13.84 -20.36 -7.50
C ALA B 168 14.94 -19.97 -8.48
N PHE B 169 14.62 -20.08 -9.77
CA PHE B 169 15.45 -19.55 -10.86
C PHE B 169 15.50 -18.01 -10.73
N ASP B 170 16.66 -17.45 -11.03
CA ASP B 170 16.92 -16.00 -11.17
C ASP B 170 16.73 -15.60 -12.64
N TYR B 171 15.67 -14.86 -12.95
CA TYR B 171 15.34 -14.43 -14.34
C TYR B 171 16.31 -13.31 -14.76
N GLY B 172 17.12 -12.88 -13.79
CA GLY B 172 18.34 -12.09 -14.00
C GLY B 172 19.34 -12.75 -14.93
N ARG B 173 19.29 -14.08 -15.06
CA ARG B 173 20.20 -14.89 -15.93
C ARG B 173 19.55 -15.11 -17.31
N ALA B 174 20.32 -14.85 -18.37
CA ALA B 174 19.89 -15.04 -19.78
C ALA B 174 19.50 -16.51 -20.04
N GLU B 175 20.19 -17.45 -19.41
CA GLU B 175 19.95 -18.91 -19.57
C GLU B 175 18.61 -19.28 -18.94
N VAL B 176 18.23 -18.63 -17.83
CA VAL B 176 16.91 -18.85 -17.18
C VAL B 176 15.76 -18.29 -18.06
N ARG B 177 15.90 -17.09 -18.60
CA ARG B 177 14.92 -16.50 -19.52
C ARG B 177 14.83 -17.36 -20.80
N GLU B 178 15.96 -17.74 -21.39
CA GLU B 178 15.96 -18.65 -22.58
C GLU B 178 15.19 -19.95 -22.27
N HIS B 179 15.47 -20.57 -21.14
CA HIS B 179 14.85 -21.85 -20.72
C HIS B 179 13.31 -21.70 -20.75
N HIS B 180 12.78 -20.63 -20.15
CA HIS B 180 11.33 -20.41 -20.07
C HIS B 180 10.77 -19.98 -21.44
N LEU B 181 11.48 -19.14 -22.21
CA LEU B 181 11.08 -18.77 -23.60
C LEU B 181 10.98 -20.04 -24.50
N LYS B 182 11.82 -21.07 -24.30
CA LYS B 182 11.81 -22.34 -25.10
C LYS B 182 10.43 -22.99 -24.96
N LEU B 183 9.92 -23.11 -23.73
CA LEU B 183 8.58 -23.68 -23.47
C LEU B 183 7.49 -22.85 -24.14
N ILE B 184 7.56 -21.52 -24.03
CA ILE B 184 6.52 -20.59 -24.57
C ILE B 184 6.47 -20.77 -26.10
N ARG B 185 7.63 -20.78 -26.76
CA ARG B 185 7.79 -21.04 -28.21
C ARG B 185 7.13 -22.36 -28.57
N GLU B 186 7.37 -23.38 -27.76
CA GLU B 186 6.80 -24.73 -27.97
C GLU B 186 5.27 -24.64 -27.79
N LEU B 187 4.80 -24.08 -26.68
CA LEU B 187 3.34 -24.01 -26.39
C LEU B 187 2.62 -23.33 -27.56
N ALA B 188 3.06 -22.16 -27.98
CA ALA B 188 2.49 -21.40 -29.13
C ALA B 188 2.50 -22.19 -30.45
N ALA B 189 3.45 -23.10 -30.68
CA ALA B 189 3.50 -23.91 -31.92
C ALA B 189 2.59 -25.12 -31.79
N ARG B 190 2.52 -25.74 -30.61
CA ARG B 190 1.80 -27.01 -30.37
C ARG B 190 0.29 -26.77 -30.28
N TYR B 191 -0.09 -25.67 -29.65
CA TYR B 191 -1.47 -25.42 -29.19
C TYR B 191 -1.98 -24.11 -29.80
N ASP B 192 -3.24 -24.18 -30.24
CA ASP B 192 -4.01 -23.07 -30.84
C ASP B 192 -4.96 -22.54 -29.75
N PHE B 193 -4.39 -21.85 -28.77
CA PHE B 193 -5.11 -21.24 -27.61
C PHE B 193 -5.57 -19.83 -27.99
N ASP B 194 -6.56 -19.30 -27.27
CA ASP B 194 -7.00 -17.87 -27.38
C ASP B 194 -6.05 -16.95 -26.58
N GLY B 195 -5.37 -17.47 -25.56
CA GLY B 195 -4.57 -16.62 -24.66
C GLY B 195 -3.48 -17.41 -23.98
N LEU B 196 -2.29 -16.82 -23.87
CA LEU B 196 -1.22 -17.37 -23.01
C LEU B 196 -1.24 -16.53 -21.72
N GLU B 197 -1.20 -17.18 -20.55
CA GLU B 197 -1.11 -16.47 -19.26
C GLU B 197 0.25 -16.78 -18.65
N LEU B 198 1.04 -15.73 -18.39
CA LEU B 198 2.34 -15.84 -17.71
C LEU B 198 2.07 -15.86 -16.21
N ASP B 199 2.09 -17.05 -15.60
CA ASP B 199 1.73 -17.15 -14.14
C ASP B 199 2.97 -16.83 -13.29
N TRP B 200 3.24 -15.51 -13.12
CA TRP B 200 4.41 -14.98 -12.36
C TRP B 200 4.22 -15.35 -10.88
N MET B 201 2.99 -15.64 -10.48
CA MET B 201 2.65 -15.91 -9.05
C MET B 201 2.88 -17.37 -8.62
N ARG B 202 3.41 -18.21 -9.53
CA ARG B 202 4.06 -19.48 -9.14
C ARG B 202 5.57 -19.34 -9.39
N PHE B 203 6.31 -18.79 -8.41
CA PHE B 203 5.88 -18.51 -7.02
C PHE B 203 6.05 -17.00 -6.69
N GLY B 204 6.09 -16.12 -7.69
CA GLY B 204 6.21 -14.66 -7.51
C GLY B 204 7.64 -14.09 -7.29
N PHE B 205 8.66 -14.91 -7.04
CA PHE B 205 10.03 -14.51 -6.65
C PHE B 205 11.01 -14.97 -7.74
N HIS B 206 11.51 -13.99 -8.49
CA HIS B 206 12.17 -14.20 -9.78
C HIS B 206 13.58 -13.61 -9.79
N PHE B 207 14.03 -12.84 -8.77
CA PHE B 207 15.30 -12.10 -8.86
C PHE B 207 16.14 -12.26 -7.59
N ARG B 208 17.45 -11.96 -7.67
CA ARG B 208 18.28 -11.79 -6.46
C ARG B 208 17.62 -10.72 -5.58
N PRO B 209 17.54 -10.90 -4.24
CA PRO B 209 17.10 -9.84 -3.32
C PRO B 209 17.91 -8.56 -3.45
N GLY B 210 17.26 -7.43 -3.69
CA GLY B 210 17.98 -6.18 -4.01
C GLY B 210 18.01 -5.83 -5.49
N TYR B 211 17.75 -6.79 -6.40
CA TYR B 211 17.88 -6.58 -7.89
C TYR B 211 16.52 -6.38 -8.61
N GLU B 212 15.44 -6.11 -7.89
CA GLU B 212 14.05 -6.15 -8.43
C GLU B 212 13.76 -4.97 -9.36
N ALA B 213 14.50 -3.86 -9.24
CA ALA B 213 14.33 -2.68 -10.12
C ALA B 213 14.92 -2.99 -11.49
N GLU B 214 16.18 -3.44 -11.58
CA GLU B 214 16.70 -4.08 -12.82
CA GLU B 214 16.74 -4.13 -12.77
C GLU B 214 15.74 -5.21 -13.20
N GLY B 215 15.34 -6.06 -12.26
CA GLY B 215 14.25 -7.05 -12.45
C GLY B 215 13.07 -6.52 -13.29
N ALA B 216 12.53 -5.32 -12.96
CA ALA B 216 11.30 -4.79 -13.61
C ALA B 216 11.56 -4.53 -15.11
N GLU B 217 12.72 -3.96 -15.44
CA GLU B 217 13.19 -3.74 -16.83
C GLU B 217 13.23 -5.11 -17.51
N ILE B 218 13.82 -6.11 -16.84
CA ILE B 218 14.01 -7.47 -17.39
C ILE B 218 12.66 -8.15 -17.65
N LEU B 219 11.67 -8.12 -16.76
CA LEU B 219 10.41 -8.82 -17.15
C LEU B 219 9.63 -8.05 -18.22
N THR B 220 9.79 -6.73 -18.31
CA THR B 220 9.10 -5.93 -19.35
C THR B 220 9.65 -6.31 -20.72
N ALA B 221 10.96 -6.44 -20.87
CA ALA B 221 11.60 -6.79 -22.14
C ALA B 221 11.20 -8.23 -22.51
N PHE B 222 11.10 -9.14 -21.54
CA PHE B 222 10.69 -10.57 -21.71
C PHE B 222 9.25 -10.60 -22.25
N THR B 223 8.36 -9.85 -21.56
CA THR B 223 6.91 -9.85 -21.91
C THR B 223 6.77 -9.29 -23.32
N ALA B 224 7.56 -8.30 -23.72
CA ALA B 224 7.54 -7.73 -25.09
C ALA B 224 7.93 -8.79 -26.13
N GLU B 225 8.93 -9.63 -25.82
CA GLU B 225 9.44 -10.63 -26.80
C GLU B 225 8.34 -11.70 -26.93
N VAL B 226 7.71 -12.08 -25.82
CA VAL B 226 6.52 -12.97 -25.82
C VAL B 226 5.42 -12.33 -26.68
N ARG B 227 5.13 -11.03 -26.52
CA ARG B 227 4.01 -10.37 -27.28
C ARG B 227 4.33 -10.40 -28.78
N ARG B 228 5.57 -10.09 -29.16
CA ARG B 228 6.05 -10.14 -30.58
C ARG B 228 5.97 -11.58 -31.11
N LEU B 229 6.36 -12.59 -30.33
CA LEU B 229 6.14 -14.01 -30.73
C LEU B 229 4.65 -14.27 -31.05
N LEU B 230 3.74 -13.97 -30.14
CA LEU B 230 2.30 -14.32 -30.31
C LEU B 230 1.70 -13.48 -31.45
N ASP B 231 2.27 -12.30 -31.73
CA ASP B 231 1.88 -11.48 -32.91
C ASP B 231 2.10 -12.32 -34.18
N ASP B 232 3.25 -12.98 -34.30
CA ASP B 232 3.60 -13.79 -35.50
C ASP B 232 2.60 -14.93 -35.61
N TRP B 233 2.36 -15.64 -34.50
CA TRP B 233 1.37 -16.73 -34.50
C TRP B 233 -0.03 -16.21 -34.88
N GLU B 234 -0.37 -14.94 -34.63
CA GLU B 234 -1.73 -14.43 -34.98
C GLU B 234 -1.91 -14.53 -36.50
N LYS B 235 -0.87 -14.22 -37.24
CA LYS B 235 -0.84 -14.29 -38.72
C LYS B 235 -0.94 -15.77 -39.14
N ARG B 236 -0.36 -16.69 -38.39
CA ARG B 236 -0.34 -18.14 -38.74
C ARG B 236 -1.71 -18.74 -38.40
N ARG B 237 -2.36 -18.29 -37.33
CA ARG B 237 -3.65 -18.84 -36.84
C ARG B 237 -4.87 -18.08 -37.40
N GLY B 238 -4.69 -16.88 -37.94
CA GLY B 238 -5.79 -16.04 -38.47
C GLY B 238 -6.76 -15.54 -37.40
N HIS B 239 -6.34 -15.44 -36.14
CA HIS B 239 -7.20 -14.90 -35.07
C HIS B 239 -6.35 -14.26 -33.98
N LYS B 240 -7.02 -13.45 -33.15
CA LYS B 240 -6.42 -12.65 -32.07
C LYS B 240 -5.92 -13.60 -30.98
N ILE B 241 -4.67 -13.41 -30.54
CA ILE B 241 -4.07 -14.21 -29.44
C ILE B 241 -3.73 -13.24 -28.31
N HIS B 242 -4.24 -13.54 -27.11
CA HIS B 242 -4.19 -12.68 -25.91
C HIS B 242 -2.94 -13.02 -25.08
N LEU B 243 -2.38 -12.03 -24.40
CA LEU B 243 -1.32 -12.25 -23.40
C LEU B 243 -1.80 -11.67 -22.08
N GLY B 244 -1.81 -12.52 -21.06
CA GLY B 244 -2.16 -12.14 -19.68
C GLY B 244 -1.05 -12.55 -18.73
N ALA B 245 -1.16 -12.07 -17.49
CA ALA B 245 -0.17 -12.20 -16.41
C ALA B 245 -0.90 -12.24 -15.07
N ARG B 246 -0.49 -13.14 -14.19
CA ARG B 246 -0.75 -13.04 -12.72
C ARG B 246 0.38 -12.25 -12.01
N ILE B 247 -0.02 -11.32 -11.14
CA ILE B 247 0.80 -10.29 -10.45
C ILE B 247 0.25 -10.17 -9.01
N PRO B 248 1.10 -9.74 -8.05
CA PRO B 248 0.65 -9.51 -6.66
C PRO B 248 -0.56 -8.54 -6.56
N SER B 249 -1.21 -8.55 -5.41
CA SER B 249 -2.51 -7.86 -5.17
C SER B 249 -2.35 -6.33 -4.98
N ARG B 250 -1.19 -5.82 -4.56
CA ARG B 250 -1.03 -4.36 -4.41
C ARG B 250 0.00 -3.91 -5.45
N PRO B 251 -0.18 -2.75 -6.13
CA PRO B 251 0.82 -2.19 -7.04
C PRO B 251 2.24 -2.08 -6.48
N ALA B 252 2.40 -1.65 -5.23
CA ALA B 252 3.75 -1.43 -4.65
C ALA B 252 4.40 -2.81 -4.49
N THR B 253 3.68 -3.87 -4.08
CA THR B 253 4.29 -5.22 -3.92
C THR B 253 4.64 -5.81 -5.31
N ALA B 254 3.76 -5.61 -6.30
CA ALA B 254 3.97 -6.06 -7.69
C ALA B 254 5.22 -5.39 -8.29
N LEU B 255 5.31 -4.05 -8.25
CA LEU B 255 6.51 -3.29 -8.72
C LEU B 255 7.74 -3.75 -7.89
N GLY B 256 7.60 -3.86 -6.56
CA GLY B 256 8.67 -4.34 -5.67
C GLY B 256 9.21 -5.73 -6.00
N LEU B 257 8.44 -6.57 -6.70
CA LEU B 257 8.87 -7.93 -7.13
C LEU B 257 9.29 -7.96 -8.61
N GLY B 258 9.45 -6.80 -9.23
CA GLY B 258 9.95 -6.62 -10.60
C GLY B 258 8.85 -6.76 -11.63
N MET B 259 7.60 -6.66 -11.21
CA MET B 259 6.44 -6.78 -12.13
C MET B 259 5.80 -5.41 -12.24
N ASP B 260 6.18 -4.64 -13.27
CA ASP B 260 5.63 -3.28 -13.59
C ASP B 260 4.50 -3.40 -14.63
N ALA B 261 3.33 -3.82 -14.18
CA ALA B 261 2.21 -4.25 -15.07
C ALA B 261 1.58 -3.05 -15.77
N VAL B 262 1.70 -1.90 -15.12
CA VAL B 262 1.19 -0.62 -15.68
C VAL B 262 2.00 -0.31 -16.92
N THR B 263 3.31 -0.57 -16.91
CA THR B 263 4.13 -0.40 -18.12
C THR B 263 3.69 -1.46 -19.14
N TRP B 264 3.58 -2.72 -18.72
CA TRP B 264 3.14 -3.78 -19.67
C TRP B 264 1.83 -3.33 -20.31
N ALA B 265 0.88 -2.81 -19.51
CA ALA B 265 -0.47 -2.38 -19.95
C ALA B 265 -0.37 -1.19 -20.92
N ARG B 266 0.33 -0.11 -20.54
CA ARG B 266 0.44 1.14 -21.35
C ARG B 266 1.13 0.88 -22.68
N ARG B 267 1.88 -0.21 -22.79
CA ARG B 267 2.64 -0.53 -24.01
C ARG B 267 1.89 -1.59 -24.85
N GLY B 268 0.70 -1.99 -24.45
CA GLY B 268 -0.07 -3.06 -25.12
C GLY B 268 0.68 -4.39 -25.16
N LEU B 269 1.48 -4.68 -24.14
CA LEU B 269 2.17 -5.99 -24.10
C LEU B 269 1.18 -7.02 -23.59
N VAL B 270 0.27 -6.65 -22.70
CA VAL B 270 -0.75 -7.58 -22.14
C VAL B 270 -2.14 -6.98 -22.36
N ASP B 271 -3.16 -7.85 -22.34
CA ASP B 271 -4.56 -7.36 -22.40
C ASP B 271 -5.36 -8.01 -21.26
N MET B 272 -4.68 -8.59 -20.27
CA MET B 272 -5.36 -9.16 -19.07
C MET B 272 -4.38 -9.32 -17.89
N LEU B 273 -4.82 -8.98 -16.69
CA LEU B 273 -3.97 -8.96 -15.49
C LEU B 273 -4.83 -9.52 -14.40
N VAL B 274 -4.24 -10.43 -13.65
CA VAL B 274 -4.93 -11.15 -12.57
C VAL B 274 -4.21 -10.74 -11.30
N ILE B 275 -4.81 -9.88 -10.52
CA ILE B 275 -4.21 -9.53 -9.21
C ILE B 275 -4.57 -10.67 -8.26
N THR B 276 -3.62 -11.17 -7.50
CA THR B 276 -3.96 -12.33 -6.64
C THR B 276 -2.96 -12.47 -5.49
N PRO B 277 -3.39 -13.13 -4.40
CA PRO B 277 -2.46 -13.71 -3.44
C PRO B 277 -1.72 -14.95 -4.04
N PHE B 278 -0.72 -15.43 -3.31
CA PHE B 278 0.09 -16.62 -3.68
C PHE B 278 -0.71 -17.87 -3.35
N TRP B 279 -1.15 -18.04 -2.11
CA TRP B 279 -1.73 -19.34 -1.68
C TRP B 279 -2.30 -19.34 -0.27
N ALA B 280 -1.61 -18.70 0.70
CA ALA B 280 -1.84 -18.86 2.16
C ALA B 280 -3.30 -18.53 2.54
N SER B 281 -3.95 -17.63 1.79
CA SER B 281 -5.39 -17.27 1.91
C SER B 281 -5.85 -16.47 0.70
N ALA B 282 -7.12 -16.61 0.30
CA ALA B 282 -7.80 -15.62 -0.58
C ALA B 282 -7.69 -14.28 0.12
N GLU B 283 -7.52 -13.22 -0.64
CA GLU B 283 -7.69 -11.86 -0.06
C GLU B 283 -9.10 -11.44 -0.47
N THR B 284 -9.85 -11.01 0.52
CA THR B 284 -11.27 -10.60 0.33
C THR B 284 -11.25 -9.11 -0.01
N ASP B 285 -10.10 -8.47 0.24
CA ASP B 285 -9.92 -7.00 0.16
C ASP B 285 -8.68 -6.67 -0.66
N MET B 286 -8.85 -6.26 -1.91
CA MET B 286 -7.67 -5.89 -2.74
C MET B 286 -7.94 -4.52 -3.36
N PRO B 287 -6.93 -3.65 -3.55
CA PRO B 287 -7.19 -2.29 -4.04
C PRO B 287 -7.58 -2.13 -5.53
N VAL B 288 -8.69 -2.75 -5.88
CA VAL B 288 -9.18 -2.85 -7.29
C VAL B 288 -9.29 -1.44 -7.88
N GLU B 289 -9.83 -0.44 -7.16
CA GLU B 289 -10.09 0.89 -7.82
C GLU B 289 -8.76 1.60 -8.15
N ILE B 290 -7.75 1.47 -7.33
CA ILE B 290 -6.39 1.97 -7.61
C ILE B 290 -5.86 1.39 -8.94
N TRP B 291 -5.93 0.06 -9.09
CA TRP B 291 -5.55 -0.64 -10.36
C TRP B 291 -6.38 -0.10 -11.52
N ARG B 292 -7.69 0.06 -11.35
CA ARG B 292 -8.57 0.59 -12.44
C ARG B 292 -8.03 1.98 -12.84
N GLN B 293 -7.68 2.86 -11.87
CA GLN B 293 -7.12 4.20 -12.22
C GLN B 293 -5.78 4.01 -12.91
N LEU B 294 -4.88 3.21 -12.32
CA LEU B 294 -3.58 2.97 -12.99
C LEU B 294 -3.80 2.45 -14.45
N LEU B 295 -4.83 1.64 -14.72
CA LEU B 295 -4.93 0.91 -16.02
C LEU B 295 -5.81 1.66 -17.02
N GLU B 296 -6.28 2.85 -16.63
CA GLU B 296 -7.28 3.66 -17.36
C GLU B 296 -6.80 3.99 -18.77
N GLY B 297 -7.66 3.76 -19.76
CA GLY B 297 -7.35 3.97 -21.19
C GLY B 297 -6.63 2.79 -21.84
N THR B 298 -6.20 1.77 -21.11
CA THR B 298 -5.31 0.73 -21.69
C THR B 298 -6.15 -0.43 -22.25
N GLY B 299 -7.42 -0.59 -21.85
CA GLY B 299 -8.34 -1.63 -22.34
C GLY B 299 -7.92 -3.03 -21.89
N VAL B 300 -7.07 -3.11 -20.86
CA VAL B 300 -6.69 -4.41 -20.27
C VAL B 300 -7.91 -4.90 -19.48
N THR B 301 -8.18 -6.19 -19.49
CA THR B 301 -9.13 -6.87 -18.55
C THR B 301 -8.42 -7.08 -17.21
N LEU B 302 -8.93 -6.44 -16.17
CA LEU B 302 -8.46 -6.61 -14.78
C LEU B 302 -9.31 -7.69 -14.10
N ALA B 303 -8.67 -8.80 -13.69
CA ALA B 303 -9.32 -9.94 -13.06
C ALA B 303 -8.84 -10.01 -11.60
N ALA B 304 -9.80 -10.26 -10.70
CA ALA B 304 -9.54 -10.39 -9.26
C ALA B 304 -9.46 -11.88 -8.88
N GLY B 305 -8.25 -12.29 -8.56
CA GLY B 305 -7.82 -13.66 -8.27
C GLY B 305 -8.20 -14.08 -6.86
N LEU B 306 -9.01 -15.14 -6.73
CA LEU B 306 -9.28 -15.82 -5.44
C LEU B 306 -8.35 -17.04 -5.30
N GLU B 307 -7.98 -17.38 -4.04
CA GLU B 307 -7.39 -18.68 -3.68
C GLU B 307 -8.40 -19.48 -2.87
N VAL B 308 -8.14 -20.78 -2.72
CA VAL B 308 -9.13 -21.71 -2.15
C VAL B 308 -9.13 -21.58 -0.62
N LEU B 309 -7.96 -21.47 0.03
CA LEU B 309 -7.88 -21.38 1.52
C LEU B 309 -8.48 -20.05 1.98
N LEU B 310 -9.01 -20.01 3.19
CA LEU B 310 -9.53 -18.75 3.79
C LEU B 310 -9.08 -18.79 5.24
N ARG B 311 -8.06 -17.99 5.54
CA ARG B 311 -7.35 -18.07 6.83
C ARG B 311 -7.22 -16.67 7.40
N PRO B 312 -7.38 -16.50 8.74
CA PRO B 312 -7.50 -15.17 9.34
C PRO B 312 -6.17 -14.43 9.41
N TYR B 313 -5.04 -15.12 9.56
CA TYR B 313 -3.70 -14.53 9.75
C TYR B 313 -2.64 -15.57 9.36
N PRO B 314 -1.41 -15.15 8.97
CA PRO B 314 -0.40 -16.09 8.45
C PRO B 314 -0.08 -17.26 9.38
N ASP B 315 -0.03 -17.03 10.69
CA ASP B 315 0.37 -18.10 11.64
C ASP B 315 -0.85 -18.89 12.15
N SER B 316 -2.05 -18.74 11.60
CA SER B 316 -3.21 -19.55 12.06
C SER B 316 -2.97 -21.01 11.74
N PRO B 317 -3.19 -21.95 12.70
CA PRO B 317 -3.16 -23.38 12.40
C PRO B 317 -4.40 -23.90 11.65
N LEU B 318 -5.43 -23.10 11.46
CA LEU B 318 -6.64 -23.54 10.73
C LEU B 318 -6.27 -23.54 9.27
N PHE B 319 -6.53 -24.60 8.52
CA PHE B 319 -6.45 -24.59 7.02
C PHE B 319 -7.76 -25.14 6.52
N GLN B 320 -8.76 -24.28 6.33
CA GLN B 320 -9.99 -24.69 5.60
C GLN B 320 -10.08 -23.76 4.38
N THR B 321 -10.97 -24.10 3.47
CA THR B 321 -11.27 -23.37 2.22
C THR B 321 -12.51 -22.49 2.38
N ASN B 322 -12.68 -21.62 1.39
CA ASN B 322 -13.87 -20.84 1.08
C ASN B 322 -15.05 -21.79 0.92
N SER B 323 -16.24 -21.27 1.18
CA SER B 323 -17.51 -21.95 0.86
C SER B 323 -18.19 -21.12 -0.23
N LEU B 324 -19.34 -21.56 -0.68
CA LEU B 324 -20.13 -20.75 -1.65
C LEU B 324 -20.44 -19.36 -1.02
N GLU B 325 -20.75 -19.30 0.28
CA GLU B 325 -21.18 -18.04 0.97
C GLU B 325 -19.99 -17.04 1.04
N THR B 326 -18.77 -17.49 1.42
CA THR B 326 -17.52 -16.65 1.48
C THR B 326 -17.02 -16.28 0.05
N VAL B 327 -17.03 -17.20 -0.91
CA VAL B 327 -16.76 -16.82 -2.34
C VAL B 327 -17.82 -15.80 -2.78
N ARG B 328 -19.10 -15.96 -2.43
CA ARG B 328 -20.14 -14.99 -2.88
C ARG B 328 -19.81 -13.58 -2.34
N GLY B 329 -19.36 -13.57 -1.08
CA GLY B 329 -18.86 -12.39 -0.34
C GLY B 329 -17.70 -11.73 -1.07
N ALA B 330 -16.63 -12.48 -1.35
CA ALA B 330 -15.42 -11.95 -2.00
C ALA B 330 -15.77 -11.46 -3.41
N ALA B 331 -16.63 -12.17 -4.13
CA ALA B 331 -17.04 -11.83 -5.51
C ALA B 331 -17.93 -10.60 -5.52
N ALA B 332 -18.84 -10.48 -4.56
CA ALA B 332 -19.82 -9.36 -4.56
C ALA B 332 -19.00 -8.08 -4.42
N SER B 333 -18.07 -8.16 -3.48
CA SER B 333 -17.18 -7.05 -3.12
C SER B 333 -16.34 -6.66 -4.33
N LEU B 334 -15.63 -7.63 -4.94
CA LEU B 334 -14.62 -7.30 -5.99
C LEU B 334 -15.31 -6.79 -7.26
N LEU B 335 -16.39 -7.44 -7.69
CA LEU B 335 -17.20 -6.96 -8.85
C LEU B 335 -17.64 -5.53 -8.56
N ASP B 336 -18.12 -5.28 -7.33
CA ASP B 336 -18.59 -3.93 -6.90
C ASP B 336 -17.48 -2.90 -7.07
N ARG B 337 -16.21 -3.24 -6.82
CA ARG B 337 -15.04 -2.33 -6.95
C ARG B 337 -14.57 -2.13 -8.41
N GLY B 338 -15.19 -2.79 -9.40
CA GLY B 338 -14.83 -2.68 -10.82
C GLY B 338 -14.01 -3.86 -11.35
N ALA B 339 -13.84 -4.98 -10.66
CA ALA B 339 -13.17 -6.18 -11.23
C ALA B 339 -13.91 -6.61 -12.52
N GLN B 340 -13.20 -6.86 -13.62
CA GLN B 340 -13.86 -7.13 -14.93
C GLN B 340 -13.90 -8.65 -15.17
N ARG B 341 -13.44 -9.42 -14.19
CA ARG B 341 -13.51 -10.90 -14.13
C ARG B 341 -13.29 -11.29 -12.66
N ILE B 342 -13.91 -12.38 -12.22
CA ILE B 342 -13.49 -13.20 -11.06
C ILE B 342 -12.67 -14.44 -11.55
N TYR B 343 -11.42 -14.48 -11.12
CA TYR B 343 -10.44 -15.52 -11.49
C TYR B 343 -10.35 -16.48 -10.28
N LEU B 344 -10.57 -17.79 -10.46
CA LEU B 344 -10.44 -18.79 -9.39
C LEU B 344 -9.17 -19.60 -9.62
N PHE B 345 -8.45 -19.90 -8.54
CA PHE B 345 -7.20 -20.69 -8.51
C PHE B 345 -7.39 -21.69 -7.37
N ASN B 346 -7.10 -22.97 -7.69
CA ASN B 346 -7.24 -24.07 -6.72
C ASN B 346 -8.70 -24.34 -6.43
N TYR B 347 -9.61 -23.92 -7.32
CA TYR B 347 -11.06 -24.30 -7.21
C TYR B 347 -11.38 -25.37 -8.26
N MET B 348 -10.82 -26.57 -8.11
CA MET B 348 -10.95 -27.66 -9.13
C MET B 348 -12.12 -28.59 -8.73
N ASP B 349 -12.41 -29.63 -9.53
CA ASP B 349 -13.63 -30.45 -9.35
C ASP B 349 -13.47 -31.49 -8.24
N SER B 350 -12.34 -31.53 -7.53
CA SER B 350 -12.03 -32.63 -6.59
C SER B 350 -10.63 -32.38 -6.02
N GLN B 351 -10.40 -32.83 -4.75
CA GLN B 351 -9.09 -32.92 -4.05
C GLN B 351 -8.59 -31.52 -3.68
N THR B 352 -8.20 -30.67 -4.61
CA THR B 352 -7.94 -29.21 -4.40
C THR B 352 -9.19 -28.43 -4.82
N ALA B 353 -10.06 -28.07 -3.89
CA ALA B 353 -11.45 -27.64 -4.20
C ALA B 353 -12.13 -27.12 -2.93
N MET B 354 -13.18 -26.28 -3.08
CA MET B 354 -14.03 -25.86 -1.94
C MET B 354 -14.40 -27.14 -1.14
N GLU B 355 -14.50 -27.10 0.18
CA GLU B 355 -14.99 -28.26 0.98
C GLU B 355 -16.50 -28.52 0.74
N ASP B 356 -17.29 -27.47 0.52
CA ASP B 356 -18.73 -27.63 0.13
C ASP B 356 -18.82 -27.86 -1.39
N LEU B 357 -18.22 -28.96 -1.87
CA LEU B 357 -18.13 -29.35 -3.30
C LEU B 357 -19.52 -29.51 -3.90
N GLU B 358 -20.50 -29.94 -3.10
CA GLU B 358 -21.91 -30.06 -3.55
C GLU B 358 -22.34 -28.74 -4.23
N ASN B 359 -21.83 -27.55 -3.83
CA ASN B 359 -22.29 -26.22 -4.35
C ASN B 359 -21.44 -25.70 -5.51
N TYR B 360 -20.53 -26.50 -6.09
CA TYR B 360 -19.62 -26.04 -7.17
C TYR B 360 -20.44 -25.70 -8.42
N PRO B 361 -21.51 -26.46 -8.76
CA PRO B 361 -22.32 -26.09 -9.93
C PRO B 361 -22.93 -24.68 -9.76
N THR B 362 -23.46 -24.39 -8.57
CA THR B 362 -24.12 -23.09 -8.24
C THR B 362 -23.08 -21.98 -8.28
N LEU B 363 -21.93 -22.19 -7.62
CA LEU B 363 -20.79 -21.22 -7.57
C LEU B 363 -20.47 -20.71 -8.97
N LEU B 364 -20.32 -21.63 -9.92
CA LEU B 364 -19.87 -21.35 -11.31
C LEU B 364 -20.98 -20.67 -12.12
N ARG B 365 -22.22 -20.69 -11.61
CA ARG B 365 -23.38 -20.03 -12.24
C ARG B 365 -23.77 -18.73 -11.49
N GLU B 366 -23.05 -18.29 -10.44
CA GLU B 366 -23.50 -17.14 -9.61
C GLU B 366 -22.44 -16.01 -9.45
N ILE B 367 -21.16 -16.33 -9.29
CA ILE B 367 -20.13 -15.36 -8.80
C ILE B 367 -19.57 -14.49 -9.93
N GLY B 368 -19.98 -14.70 -11.19
CA GLY B 368 -19.54 -13.86 -12.32
C GLY B 368 -20.42 -12.62 -12.49
N SER B 369 -21.44 -12.44 -11.68
CA SER B 369 -22.34 -11.28 -11.85
C SER B 369 -22.94 -10.87 -10.51
N LEU B 370 -23.01 -9.56 -10.27
CA LEU B 370 -23.81 -8.94 -9.18
C LEU B 370 -25.28 -9.32 -9.32
N GLU B 371 -25.82 -9.43 -10.55
CA GLU B 371 -27.25 -9.81 -10.77
C GLU B 371 -27.55 -11.19 -10.18
N THR B 372 -26.64 -12.17 -10.31
CA THR B 372 -26.88 -13.56 -9.85
C THR B 372 -26.49 -13.72 -8.36
N LEU B 373 -25.72 -12.78 -7.77
CA LEU B 373 -25.33 -12.85 -6.32
C LEU B 373 -26.44 -12.14 -5.53
N ALA B 374 -27.19 -11.26 -6.22
CA ALA B 374 -28.20 -10.35 -5.62
C ALA B 374 -29.23 -11.17 -4.83
N GLY B 375 -29.58 -10.71 -3.63
CA GLY B 375 -30.60 -11.35 -2.76
C GLY B 375 -30.19 -12.73 -2.27
N LYS B 376 -28.88 -13.05 -2.26
CA LYS B 376 -28.32 -14.37 -1.84
C LYS B 376 -27.43 -14.20 -0.62
N PRO B 377 -27.53 -15.07 0.41
CA PRO B 377 -26.67 -15.00 1.60
C PRO B 377 -25.17 -15.03 1.28
N ARG B 378 -24.43 -14.06 1.84
CA ARG B 378 -22.97 -13.91 1.64
C ARG B 378 -22.24 -13.61 2.96
N ARG B 379 -20.95 -13.89 2.98
CA ARG B 379 -20.10 -13.76 4.18
C ARG B 379 -18.83 -13.06 3.73
N HIS B 380 -18.49 -11.97 4.41
CA HIS B 380 -17.33 -11.10 4.11
C HIS B 380 -16.35 -11.24 5.26
N VAL B 381 -15.29 -12.02 5.10
CA VAL B 381 -14.34 -12.41 6.18
C VAL B 381 -13.05 -11.57 6.08
N LEU B 382 -12.53 -11.14 7.22
CA LEU B 382 -11.22 -10.43 7.30
C LEU B 382 -10.07 -11.43 7.17
N THR B 383 -9.22 -11.25 6.14
CA THR B 383 -7.98 -12.06 5.96
C THR B 383 -6.78 -11.11 5.88
N PHE B 384 -5.86 -11.38 4.98
CA PHE B 384 -4.50 -10.77 4.91
C PHE B 384 -3.94 -11.03 3.51
N ALA B 385 -3.01 -10.16 3.13
CA ALA B 385 -2.08 -10.34 1.99
C ALA B 385 -0.86 -11.16 2.43
N ASP B 386 -0.67 -12.29 1.72
CA ASP B 386 0.40 -13.28 2.01
C ASP B 386 1.73 -12.84 1.37
N THR B 387 1.74 -11.89 0.45
CA THR B 387 2.90 -11.64 -0.44
C THR B 387 3.37 -10.19 -0.32
N TRP B 388 4.68 -10.04 -0.06
CA TRP B 388 5.35 -8.76 0.23
C TRP B 388 6.71 -8.77 -0.46
N ALA B 389 7.17 -7.64 -0.97
CA ALA B 389 8.46 -7.55 -1.70
C ALA B 389 9.55 -7.64 -0.64
N PRO B 390 10.80 -8.02 -0.97
CA PRO B 390 11.81 -8.12 0.07
C PRO B 390 12.04 -6.82 0.83
N GLY B 391 11.95 -6.91 2.18
CA GLY B 391 12.04 -5.81 3.16
C GLY B 391 10.81 -4.90 3.21
N GLU B 392 9.83 -5.14 2.34
CA GLU B 392 8.61 -4.30 2.30
C GLU B 392 7.88 -4.53 3.62
N PRO B 393 7.54 -3.44 4.35
CA PRO B 393 6.78 -3.55 5.57
C PRO B 393 5.43 -4.26 5.35
N ARG B 394 5.05 -5.18 6.24
CA ARG B 394 3.79 -5.97 6.15
C ARG B 394 2.68 -5.41 7.06
N ALA B 395 1.48 -5.40 6.48
CA ALA B 395 0.21 -4.86 7.04
C ALA B 395 -0.74 -6.04 7.21
N ILE B 396 -0.74 -6.63 8.40
CA ILE B 396 -1.57 -7.79 8.80
C ILE B 396 -2.56 -7.37 9.89
N PRO B 397 -3.87 -7.33 9.58
CA PRO B 397 -4.87 -6.85 10.54
C PRO B 397 -5.13 -7.76 11.77
N LEU B 398 -5.05 -9.09 11.62
CA LEU B 398 -5.31 -10.02 12.75
C LEU B 398 -4.04 -10.78 13.10
N PRO B 399 -3.88 -11.29 14.33
CA PRO B 399 -4.80 -11.02 15.44
C PRO B 399 -4.51 -9.62 16.00
N ALA B 400 -5.47 -9.11 16.76
CA ALA B 400 -5.45 -7.73 17.25
C ALA B 400 -5.98 -7.79 18.66
N THR B 401 -5.16 -7.37 19.61
CA THR B 401 -5.48 -7.25 21.05
C THR B 401 -6.09 -5.86 21.28
N CYS B 402 -7.21 -5.79 21.98
CA CYS B 402 -7.81 -4.55 22.51
C CYS B 402 -7.61 -4.60 24.02
N ARG B 403 -6.89 -3.62 24.60
CA ARG B 403 -6.80 -3.36 26.06
C ARG B 403 -8.06 -2.66 26.55
N PRO B 404 -8.39 -2.78 27.85
CA PRO B 404 -9.56 -2.11 28.43
C PRO B 404 -9.54 -0.58 28.19
N GLY B 405 -10.67 -0.01 27.74
CA GLY B 405 -10.80 1.43 27.44
C GLY B 405 -10.26 1.83 26.06
N GLU B 406 -9.55 0.93 25.36
CA GLU B 406 -8.97 1.16 24.01
C GLU B 406 -10.01 0.81 22.94
N TRP B 407 -9.84 1.41 21.74
CA TRP B 407 -10.64 1.14 20.51
C TRP B 407 -9.76 0.45 19.45
N ARG B 408 -10.34 -0.54 18.76
CA ARG B 408 -9.80 -1.13 17.50
C ARG B 408 -10.85 -1.03 16.42
N ALA B 409 -10.44 -0.81 15.17
CA ALA B 409 -11.31 -0.76 13.98
C ALA B 409 -10.86 -1.82 12.95
N PHE B 410 -11.85 -2.50 12.39
CA PHE B 410 -11.65 -3.43 11.27
C PHE B 410 -12.54 -2.89 10.12
N ARG B 411 -11.94 -2.69 8.96
CA ARG B 411 -12.73 -2.36 7.75
C ARG B 411 -12.80 -3.62 6.91
N LEU B 412 -14.00 -3.85 6.41
CA LEU B 412 -14.32 -5.01 5.58
C LEU B 412 -15.13 -4.47 4.41
N HIS B 413 -14.77 -4.87 3.18
CA HIS B 413 -15.51 -4.44 1.95
C HIS B 413 -16.64 -5.42 1.66
N THR B 414 -17.88 -4.94 1.65
CA THR B 414 -19.11 -5.75 1.54
C THR B 414 -19.83 -5.42 0.26
N GLY B 415 -19.14 -4.78 -0.67
CA GLY B 415 -19.65 -4.49 -2.04
C GLY B 415 -21.00 -3.79 -2.03
N PRO B 416 -22.04 -4.27 -2.77
CA PRO B 416 -23.30 -3.54 -2.89
C PRO B 416 -24.04 -3.44 -1.55
N LYS B 417 -24.67 -2.29 -1.32
CA LYS B 417 -25.57 -2.12 -0.17
C LYS B 417 -26.48 -3.34 -0.10
N PRO B 418 -26.65 -3.92 1.10
CA PRO B 418 -27.46 -5.10 1.27
C PRO B 418 -28.91 -4.86 0.83
N GLU B 419 -29.49 -5.85 0.17
CA GLU B 419 -30.97 -6.05 0.10
C GLU B 419 -31.52 -5.98 1.52
N PRO B 420 -32.84 -5.65 1.68
CA PRO B 420 -33.55 -5.94 2.94
C PRO B 420 -33.24 -7.33 3.52
N GLY B 421 -32.92 -7.40 4.80
CA GLY B 421 -32.82 -8.65 5.56
C GLY B 421 -31.92 -8.49 6.77
N GLU B 422 -31.15 -9.51 7.12
CA GLU B 422 -30.31 -9.50 8.35
C GLU B 422 -28.86 -9.15 7.97
N VAL B 423 -28.22 -8.30 8.79
CA VAL B 423 -26.76 -8.02 8.75
C VAL B 423 -26.11 -8.22 10.14
N ILE B 424 -25.16 -9.15 10.22
CA ILE B 424 -24.43 -9.49 11.49
C ILE B 424 -22.93 -9.17 11.39
N ALA B 425 -22.42 -8.40 12.36
CA ALA B 425 -20.97 -8.18 12.58
C ALA B 425 -20.53 -9.28 13.55
N ALA B 426 -19.68 -10.22 13.11
CA ALA B 426 -19.29 -11.45 13.86
C ALA B 426 -17.82 -11.38 14.22
N LEU B 427 -17.46 -11.51 15.50
CA LEU B 427 -16.09 -11.30 16.02
C LEU B 427 -15.64 -12.51 16.79
N GLY B 428 -14.52 -13.07 16.42
CA GLY B 428 -13.98 -14.28 17.07
C GLY B 428 -12.97 -13.91 18.12
N ILE B 429 -13.12 -14.47 19.32
CA ILE B 429 -12.23 -14.12 20.46
C ILE B 429 -11.40 -15.34 20.83
N GLU B 430 -10.08 -15.19 20.90
CA GLU B 430 -9.07 -16.27 21.14
C GLU B 430 -8.69 -16.34 22.62
N GLY B 431 -8.20 -17.48 23.09
CA GLY B 431 -7.65 -17.63 24.45
C GLY B 431 -8.66 -17.98 25.54
N GLY B 432 -9.66 -18.83 25.29
CA GLY B 432 -10.63 -19.25 26.32
C GLY B 432 -11.66 -18.18 26.66
N ALA B 434 -15.52 -16.63 26.97
CA ALA B 434 -14.87 -15.58 27.77
C ALA B 434 -15.91 -14.52 28.14
N ILE B 435 -16.63 -14.00 27.15
CA ILE B 435 -17.18 -12.60 27.24
C ILE B 435 -18.65 -12.57 27.65
N GLY B 436 -19.11 -11.40 28.07
CA GLY B 436 -20.53 -11.03 28.24
C GLY B 436 -21.01 -10.05 27.17
N PRO B 437 -22.33 -9.69 27.22
CA PRO B 437 -22.95 -8.78 26.24
C PRO B 437 -22.40 -7.33 26.24
N GLU B 438 -21.76 -6.90 27.32
CA GLU B 438 -21.18 -5.54 27.39
C GLU B 438 -19.65 -5.60 27.46
N THR B 439 -19.01 -6.76 27.38
CA THR B 439 -17.53 -6.86 27.38
C THR B 439 -17.01 -6.14 26.12
N LEU B 440 -17.69 -6.32 24.99
CA LEU B 440 -17.46 -5.49 23.78
C LEU B 440 -18.59 -4.47 23.61
N GLU B 441 -18.23 -3.25 23.25
CA GLU B 441 -19.17 -2.29 22.63
C GLU B 441 -18.81 -2.23 21.15
N VAL B 442 -19.81 -2.47 20.30
CA VAL B 442 -19.56 -2.65 18.85
C VAL B 442 -20.38 -1.63 18.10
N ARG B 443 -19.72 -0.96 17.17
CA ARG B 443 -20.35 0.02 16.27
C ARG B 443 -19.98 -0.33 14.84
N VAL B 444 -20.88 -0.05 13.91
CA VAL B 444 -20.68 -0.14 12.43
C VAL B 444 -21.04 1.25 11.88
N ASN B 445 -20.05 1.94 11.32
CA ASN B 445 -20.20 3.31 10.74
C ASN B 445 -20.79 4.22 11.81
N GLY B 446 -20.41 3.99 13.07
CA GLY B 446 -20.75 4.81 14.22
C GLY B 446 -22.02 4.37 14.95
N GLU B 447 -22.81 3.49 14.36
CA GLU B 447 -24.12 3.11 14.96
CA GLU B 447 -24.13 3.09 14.93
C GLU B 447 -23.91 1.91 15.88
N LEU B 448 -24.43 2.00 17.11
CA LEU B 448 -24.35 0.93 18.14
C LEU B 448 -25.05 -0.34 17.62
N CYS B 449 -24.41 -1.51 17.70
CA CYS B 449 -24.97 -2.83 17.30
C CYS B 449 -25.48 -3.57 18.54
N ALA B 450 -26.61 -4.29 18.42
CA ALA B 450 -27.18 -5.09 19.52
C ALA B 450 -26.31 -6.34 19.66
N PHE B 451 -26.10 -6.79 20.88
CA PHE B 451 -25.53 -8.12 21.18
C PHE B 451 -26.57 -9.18 20.78
N LEU B 452 -26.12 -10.23 20.09
CA LEU B 452 -26.98 -11.33 19.58
C LEU B 452 -26.70 -12.61 20.32
N GLY B 453 -25.45 -12.83 20.71
CA GLY B 453 -24.96 -14.10 21.31
C GLY B 453 -23.98 -14.80 20.40
N LEU B 454 -23.50 -15.95 20.82
CA LEU B 454 -22.66 -16.89 20.03
C LEU B 454 -23.27 -17.16 18.65
N VAL B 455 -22.48 -17.12 17.60
CA VAL B 455 -22.92 -17.39 16.22
C VAL B 455 -22.43 -18.79 15.81
N ASP B 456 -23.37 -19.61 15.34
CA ASP B 456 -23.11 -20.99 14.89
C ASP B 456 -22.58 -20.93 13.45
N LEU B 457 -21.29 -20.68 13.23
CA LEU B 457 -20.77 -20.55 11.85
C LEU B 457 -20.64 -21.94 11.24
N SER B 458 -20.99 -22.05 9.96
CA SER B 458 -20.60 -23.19 9.12
C SER B 458 -19.20 -22.87 8.57
N LYS B 459 -18.46 -23.90 8.13
CA LYS B 459 -17.09 -23.81 7.60
C LYS B 459 -17.04 -22.86 6.42
N PRO B 460 -15.95 -22.09 6.19
CA PRO B 460 -14.81 -21.97 7.09
C PRO B 460 -15.16 -21.20 8.39
N ARG B 461 -14.62 -21.66 9.51
CA ARG B 461 -14.88 -21.09 10.84
C ARG B 461 -13.65 -21.28 11.72
N PRO B 462 -13.46 -20.39 12.70
CA PRO B 462 -12.39 -20.54 13.68
C PRO B 462 -12.69 -21.65 14.70
N ASP B 463 -11.69 -21.98 15.52
CA ASP B 463 -11.77 -22.97 16.61
C ASP B 463 -11.87 -22.22 17.93
N PHE B 464 -12.51 -21.06 17.95
CA PHE B 464 -12.71 -20.22 19.16
C PHE B 464 -14.04 -19.54 18.96
N PRO B 465 -14.68 -19.10 20.07
CA PRO B 465 -16.00 -18.48 20.03
C PRO B 465 -16.14 -17.27 19.09
N VAL B 466 -17.17 -17.28 18.26
CA VAL B 466 -17.54 -16.12 17.40
C VAL B 466 -18.85 -15.52 17.94
N TYR B 467 -18.85 -14.23 18.25
CA TYR B 467 -19.98 -13.47 18.87
C TYR B 467 -20.56 -12.54 17.81
N GLY B 468 -21.89 -12.55 17.72
CA GLY B 468 -22.65 -11.83 16.69
C GLY B 468 -23.17 -10.54 17.28
N PHE B 469 -23.12 -9.49 16.50
CA PHE B 469 -23.65 -8.14 16.83
C PHE B 469 -24.58 -7.78 15.67
N SER B 470 -25.83 -7.43 15.96
CA SER B 470 -26.85 -7.09 14.93
C SER B 470 -26.65 -5.66 14.42
N VAL B 471 -26.61 -5.47 13.10
CA VAL B 471 -26.28 -4.15 12.48
C VAL B 471 -27.55 -3.53 11.91
N PRO B 472 -27.90 -2.30 12.33
CA PRO B 472 -29.07 -1.60 11.78
C PRO B 472 -28.87 -1.59 10.26
N LEU B 473 -29.87 -2.02 9.50
CA LEU B 473 -29.69 -2.20 8.03
C LEU B 473 -29.26 -0.86 7.41
N ALA B 474 -29.78 0.25 7.94
CA ALA B 474 -29.58 1.61 7.43
C ALA B 474 -28.12 2.05 7.63
N ALA B 475 -27.38 1.51 8.62
CA ALA B 475 -25.94 1.77 8.87
C ALA B 475 -25.09 1.26 7.71
N MET B 476 -25.53 0.19 7.04
CA MET B 476 -24.67 -0.52 6.05
C MET B 476 -24.54 0.37 4.80
N ARG B 477 -23.32 0.46 4.28
CA ARG B 477 -22.98 1.35 3.15
C ARG B 477 -22.45 0.51 1.99
N ARG B 478 -22.44 1.10 0.80
CA ARG B 478 -21.79 0.50 -0.37
C ARG B 478 -20.28 0.59 -0.16
N GLY B 479 -19.61 -0.55 -0.38
CA GLY B 479 -18.16 -0.74 -0.21
C GLY B 479 -17.75 -1.07 1.21
N TYR B 480 -16.73 -0.39 1.69
CA TYR B 480 -16.20 -0.61 3.05
C TYR B 480 -17.26 -0.25 4.08
N ASN B 481 -17.28 -1.08 5.13
CA ASN B 481 -18.08 -0.91 6.35
C ASN B 481 -17.12 -1.08 7.52
N LEU B 482 -17.16 -0.15 8.48
CA LEU B 482 -16.13 -0.02 9.52
C LEU B 482 -16.73 -0.47 10.87
N ILE B 483 -16.25 -1.63 11.34
CA ILE B 483 -16.42 -2.15 12.71
C ILE B 483 -15.43 -1.37 13.57
N GLU B 484 -15.95 -0.83 14.68
CA GLU B 484 -15.19 -0.09 15.73
C GLU B 484 -15.62 -0.70 17.08
N VAL B 485 -14.68 -1.33 17.79
CA VAL B 485 -15.00 -2.04 19.06
C VAL B 485 -14.16 -1.44 20.16
N THR B 486 -14.68 -1.46 21.38
CA THR B 486 -13.90 -1.17 22.58
C THR B 486 -14.19 -2.32 23.54
N ALA B 487 -13.19 -2.73 24.29
CA ALA B 487 -13.29 -3.87 25.22
C ALA B 487 -13.20 -3.34 26.64
N ARG B 488 -13.93 -3.94 27.56
CA ARG B 488 -13.92 -3.58 29.00
C ARG B 488 -12.99 -4.57 29.74
N GLN B 489 -12.35 -5.45 28.95
CA GLN B 489 -11.46 -6.53 29.38
C GLN B 489 -10.43 -6.76 28.28
N GLU B 490 -9.21 -7.11 28.63
CA GLU B 490 -8.19 -7.31 27.57
C GLU B 490 -8.55 -8.54 26.74
N LEU B 491 -8.68 -8.40 25.42
CA LEU B 491 -9.26 -9.41 24.51
C LEU B 491 -8.41 -9.44 23.24
N ARG B 492 -8.25 -10.61 22.66
CA ARG B 492 -7.57 -10.74 21.36
C ARG B 492 -8.58 -11.37 20.39
N PHE B 493 -8.80 -10.65 19.28
CA PHE B 493 -9.62 -11.02 18.11
C PHE B 493 -8.76 -11.79 17.12
N GLY B 494 -9.27 -12.90 16.60
CA GLY B 494 -8.58 -13.70 15.58
C GLY B 494 -9.49 -13.98 14.42
N TRP B 495 -10.67 -13.33 14.40
CA TRP B 495 -11.69 -13.51 13.35
C TRP B 495 -12.66 -12.34 13.35
N ALA B 496 -13.04 -11.87 12.17
CA ALA B 496 -14.04 -10.80 11.92
C ALA B 496 -14.70 -11.06 10.56
N GLU B 497 -16.04 -11.03 10.49
CA GLU B 497 -16.74 -11.01 9.20
C GLU B 497 -18.05 -10.28 9.31
N PHE B 498 -18.59 -9.85 8.19
CA PHE B 498 -20.02 -9.49 8.04
C PHE B 498 -20.73 -10.68 7.42
N LEU B 499 -21.84 -11.15 8.02
CA LEU B 499 -22.87 -12.05 7.41
C LEU B 499 -24.06 -11.25 6.91
N ILE B 500 -24.42 -11.42 5.65
CA ILE B 500 -25.55 -10.72 5.01
C ILE B 500 -26.52 -11.78 4.50
N ARG B 501 -27.76 -11.75 4.97
CA ARG B 501 -28.82 -12.73 4.63
C ARG B 501 -30.00 -11.96 4.07
N PRO B 502 -30.03 -11.72 2.74
CA PRO B 502 -31.23 -11.18 2.09
C PRO B 502 -32.41 -12.15 2.12
#